data_8K9Y
#
_entry.id   8K9Y
#
_cell.length_a   52.430
_cell.length_b   138.240
_cell.length_c   63.130
_cell.angle_alpha   90.00
_cell.angle_beta   104.88
_cell.angle_gamma   90.00
#
_symmetry.space_group_name_H-M   'P 1 21 1'
#
loop_
_entity.id
_entity.type
_entity.pdbx_description
1 polymer 'Cytosolic sulfotransferase 16'
2 non-polymer "ADENOSINE-3'-5'-DIPHOSPHATE"
3 non-polymer GLYCEROL
4 non-polymer 'CITRATE ANION'
5 non-polymer 'ISOPROPYL ALCOHOL'
6 water water
#
_entity_poly.entity_id   1
_entity_poly.type   'polypeptide(L)'
_entity_poly.pdbx_seq_one_letter_code
;TEFEKTQKKYQDFIATLPKSKGWRPDEILTQYGGHWWQECLLEGLFHAKDHFEARPTDFLVCSYPKTGTTWLKALTYAIV
NRSRYDDAANPLLKRNPHEFVPYVEIDFAFYPTVDVLQDRKNPLFSTHIPNGLLPDSIVNSGCKMVYIWRDPKDTFISMW
TFLHKEKSQEGQLASLEDSFDMFCKGLSVYGPYLDHVLGYWKAYQENPDRILFLRYETMRANPLPFVKRLAEFMGYGFTD
EEEENGVAEKVVKLCSFETLKNLEANKGDKEREDRPAVYANSAYFRKGKVGDWANYLTPEMAARIDGLVEEKFKDTGLLQ
HDN
;
_entity_poly.pdbx_strand_id   A,B
#
loop_
_chem_comp.id
_chem_comp.type
_chem_comp.name
_chem_comp.formula
A3P RNA linking ADENOSINE-3'-5'-DIPHOSPHATE 'C10 H15 N5 O10 P2'
FLC non-polymer 'CITRATE ANION' 'C6 H5 O7 -3'
GOL non-polymer GLYCEROL 'C3 H8 O3'
IPA non-polymer 'ISOPROPYL ALCOHOL' 'C3 H8 O'
#
# COMPACT_ATOMS: atom_id res chain seq x y z
N THR A 1 -0.42 -17.15 10.35
CA THR A 1 -0.43 -15.95 9.48
C THR A 1 -1.79 -15.67 8.85
N GLU A 2 -1.95 -14.53 8.15
CA GLU A 2 -3.27 -14.27 7.54
C GLU A 2 -3.57 -15.30 6.46
N PHE A 3 -2.54 -15.72 5.70
CA PHE A 3 -2.79 -16.75 4.69
C PHE A 3 -3.10 -18.08 5.35
N GLU A 4 -2.46 -18.37 6.49
CA GLU A 4 -2.79 -19.64 7.15
C GLU A 4 -4.25 -19.63 7.62
N LYS A 5 -4.74 -18.45 8.05
CA LYS A 5 -6.16 -18.33 8.40
C LYS A 5 -7.06 -18.57 7.18
N THR A 6 -6.65 -18.09 6.01
N THR A 6 -6.68 -18.04 6.01
CA THR A 6 -7.45 -18.34 4.81
CA THR A 6 -7.46 -18.35 4.80
C THR A 6 -7.46 -19.81 4.43
C THR A 6 -7.49 -19.85 4.55
N GLN A 7 -6.32 -20.48 4.59
CA GLN A 7 -6.25 -21.90 4.30
C GLN A 7 -7.18 -22.69 5.22
N LYS A 8 -7.21 -22.33 6.50
CA LYS A 8 -8.07 -23.02 7.44
C LYS A 8 -9.54 -22.78 7.12
N LYS A 9 -9.88 -21.53 6.79
CA LYS A 9 -11.27 -21.14 6.53
C LYS A 9 -11.88 -21.88 5.33
N TYR A 10 -11.10 -22.08 4.26
CA TYR A 10 -11.58 -22.76 3.05
C TYR A 10 -11.21 -24.23 2.96
N GLN A 11 -10.50 -24.77 3.99
CA GLN A 11 -10.19 -26.19 3.99
C GLN A 11 -11.40 -27.07 3.69
N ASP A 12 -12.49 -26.89 4.44
CA ASP A 12 -13.58 -27.85 4.29
C ASP A 12 -14.21 -27.75 2.90
N PHE A 13 -14.43 -26.52 2.42
CA PHE A 13 -14.96 -26.29 1.08
C PHE A 13 -14.10 -26.95 0.02
N ILE A 14 -12.78 -26.70 0.05
CA ILE A 14 -11.94 -27.15 -1.04
C ILE A 14 -11.93 -28.67 -1.07
N ALA A 15 -12.06 -29.27 0.10
CA ALA A 15 -12.17 -30.71 0.12
C ALA A 15 -13.47 -31.21 -0.55
N THR A 16 -14.53 -30.41 -0.68
CA THR A 16 -15.74 -30.94 -1.33
C THR A 16 -15.74 -30.83 -2.85
N LEU A 17 -14.73 -30.19 -3.44
CA LEU A 17 -14.66 -29.89 -4.86
C LEU A 17 -14.19 -31.08 -5.69
N PRO A 18 -14.55 -31.16 -6.97
CA PRO A 18 -14.09 -32.29 -7.78
C PRO A 18 -12.58 -32.21 -8.00
N LYS A 19 -11.97 -33.38 -8.10
CA LYS A 19 -10.53 -33.53 -8.14
C LYS A 19 -10.16 -34.37 -9.35
N SER A 20 -8.96 -34.17 -9.86
CA SER A 20 -8.52 -34.96 -10.99
C SER A 20 -7.00 -35.07 -10.96
N LYS A 21 -6.48 -36.11 -11.62
CA LYS A 21 -5.03 -36.22 -11.78
C LYS A 21 -4.56 -35.14 -12.75
N GLY A 22 -3.35 -34.66 -12.53
CA GLY A 22 -2.72 -33.67 -13.37
C GLY A 22 -1.74 -34.32 -14.33
N TRP A 23 -0.76 -33.53 -14.76
CA TRP A 23 0.22 -34.10 -15.67
C TRP A 23 1.38 -34.77 -14.92
N ARG A 24 1.45 -34.65 -13.62
CA ARG A 24 2.44 -35.42 -12.87
C ARG A 24 1.74 -36.53 -12.10
N PRO A 25 2.43 -37.65 -11.82
CA PRO A 25 1.73 -38.79 -11.23
C PRO A 25 0.98 -38.47 -9.94
N ASP A 26 1.62 -37.76 -9.02
CA ASP A 26 1.01 -37.51 -7.73
C ASP A 26 0.21 -36.20 -7.69
N GLU A 27 0.15 -35.46 -8.81
CA GLU A 27 -0.44 -34.13 -8.81
C GLU A 27 -1.96 -34.25 -8.84
N ILE A 28 -2.64 -33.45 -8.00
CA ILE A 28 -4.11 -33.43 -7.92
C ILE A 28 -4.54 -32.02 -8.29
N LEU A 29 -5.40 -31.88 -9.30
CA LEU A 29 -6.01 -30.57 -9.62
C LEU A 29 -7.44 -30.56 -9.08
N THR A 30 -7.86 -29.39 -8.62
CA THR A 30 -9.19 -29.16 -8.08
C THR A 30 -9.98 -28.25 -9.03
N GLN A 31 -11.27 -28.55 -9.27
CA GLN A 31 -12.10 -27.70 -10.15
C GLN A 31 -12.87 -26.65 -9.33
N TYR A 32 -12.82 -25.40 -9.75
CA TYR A 32 -13.65 -24.36 -9.17
C TYR A 32 -13.94 -23.28 -10.23
N GLY A 33 -15.20 -22.91 -10.37
CA GLY A 33 -15.58 -21.79 -11.26
C GLY A 33 -15.19 -22.00 -12.71
N GLY A 34 -15.36 -23.21 -13.23
CA GLY A 34 -15.06 -23.55 -14.59
C GLY A 34 -13.59 -23.91 -14.88
N HIS A 35 -12.70 -23.83 -13.89
CA HIS A 35 -11.27 -23.92 -14.13
C HIS A 35 -10.61 -24.88 -13.14
N TRP A 36 -9.44 -25.39 -13.51
CA TRP A 36 -8.70 -26.36 -12.68
C TRP A 36 -7.59 -25.59 -11.94
N TRP A 37 -7.29 -25.99 -10.70
CA TRP A 37 -6.32 -25.30 -9.83
C TRP A 37 -5.38 -26.31 -9.16
N GLN A 38 -4.14 -25.91 -8.92
CA GLN A 38 -3.40 -26.49 -7.80
C GLN A 38 -4.02 -26.00 -6.51
N GLU A 39 -4.07 -26.85 -5.49
CA GLU A 39 -4.68 -26.47 -4.20
C GLU A 39 -4.24 -25.11 -3.72
N CYS A 40 -2.92 -24.87 -3.70
CA CYS A 40 -2.42 -23.64 -3.11
C CYS A 40 -2.83 -22.43 -3.93
N LEU A 41 -2.96 -22.61 -5.26
CA LEU A 41 -3.39 -21.50 -6.10
C LEU A 41 -4.84 -21.14 -5.85
N LEU A 42 -5.67 -22.14 -5.59
CA LEU A 42 -7.06 -21.88 -5.24
C LEU A 42 -7.17 -21.22 -3.87
N GLU A 43 -6.39 -21.69 -2.89
CA GLU A 43 -6.26 -20.93 -1.64
C GLU A 43 -5.86 -19.50 -1.89
N GLY A 44 -4.87 -19.30 -2.77
CA GLY A 44 -4.44 -17.96 -3.09
C GLY A 44 -5.55 -17.13 -3.71
N LEU A 45 -6.38 -17.74 -4.55
CA LEU A 45 -7.54 -17.03 -5.08
C LEU A 45 -8.46 -16.54 -3.95
N PHE A 46 -8.89 -17.45 -3.06
CA PHE A 46 -9.76 -17.03 -1.97
C PHE A 46 -9.09 -16.02 -1.05
N HIS A 47 -7.77 -16.12 -0.86
CA HIS A 47 -7.12 -15.12 -0.03
C HIS A 47 -7.20 -13.74 -0.68
N ALA A 48 -7.01 -13.71 -1.98
CA ALA A 48 -7.14 -12.45 -2.72
C ALA A 48 -8.57 -11.91 -2.72
N LYS A 49 -9.57 -12.80 -2.94
N LYS A 49 -9.58 -12.79 -2.83
CA LYS A 49 -10.97 -12.42 -2.77
CA LYS A 49 -10.96 -12.31 -2.80
C LYS A 49 -11.15 -11.66 -1.47
C LYS A 49 -11.35 -11.80 -1.42
N ASP A 50 -10.68 -12.26 -0.36
CA ASP A 50 -10.95 -11.75 0.98
C ASP A 50 -10.07 -10.57 1.35
N HIS A 51 -8.92 -10.40 0.71
CA HIS A 51 -7.93 -9.47 1.25
C HIS A 51 -7.27 -8.58 0.22
N PHE A 52 -7.28 -8.88 -1.07
CA PHE A 52 -6.54 -8.03 -1.98
C PHE A 52 -7.35 -6.75 -2.20
N GLU A 53 -6.70 -5.59 -2.12
CA GLU A 53 -7.36 -4.30 -2.32
C GLU A 53 -6.73 -3.63 -3.53
N ALA A 54 -7.48 -3.51 -4.60
CA ALA A 54 -6.97 -2.83 -5.78
C ALA A 54 -7.25 -1.33 -5.65
N ARG A 55 -6.38 -0.52 -6.27
CA ARG A 55 -6.58 0.92 -6.48
C ARG A 55 -6.85 1.27 -7.94
N PRO A 56 -7.58 2.38 -8.17
CA PRO A 56 -7.89 2.78 -9.54
C PRO A 56 -6.67 3.06 -10.38
N THR A 57 -5.56 3.42 -9.77
CA THR A 57 -4.35 3.69 -10.53
C THR A 57 -3.49 2.43 -10.71
N ASP A 58 -3.94 1.26 -10.24
CA ASP A 58 -3.11 0.04 -10.44
C ASP A 58 -3.17 -0.37 -11.91
N PHE A 59 -2.23 -1.22 -12.31
CA PHE A 59 -2.25 -1.74 -13.66
C PHE A 59 -2.03 -3.23 -13.55
N LEU A 60 -2.94 -4.02 -14.12
CA LEU A 60 -2.92 -5.45 -13.89
C LEU A 60 -2.54 -6.20 -15.17
N VAL A 61 -1.51 -7.04 -15.09
CA VAL A 61 -1.08 -7.91 -16.19
C VAL A 61 -1.82 -9.24 -16.04
N CYS A 62 -2.54 -9.66 -17.06
CA CYS A 62 -3.37 -10.86 -17.03
C CYS A 62 -2.94 -11.75 -18.20
N SER A 63 -2.82 -13.03 -17.93
CA SER A 63 -2.47 -13.99 -18.98
C SER A 63 -2.82 -15.38 -18.47
N TYR A 64 -2.88 -16.30 -19.37
CA TYR A 64 -2.76 -17.72 -19.02
C TYR A 64 -1.28 -18.08 -19.02
N PRO A 65 -0.76 -19.04 -18.22
CA PRO A 65 0.69 -19.25 -18.21
C PRO A 65 1.26 -19.62 -19.58
N LYS A 66 2.46 -19.09 -19.87
CA LYS A 66 3.30 -19.42 -21.04
C LYS A 66 2.82 -18.72 -22.31
N THR A 67 2.04 -17.66 -22.17
CA THR A 67 1.60 -16.86 -23.31
C THR A 67 2.32 -15.53 -23.42
N GLY A 68 3.26 -15.22 -22.51
CA GLY A 68 3.95 -13.93 -22.61
C GLY A 68 3.96 -13.10 -21.32
N THR A 69 3.75 -13.77 -20.19
CA THR A 69 3.66 -13.08 -18.92
C THR A 69 4.97 -12.35 -18.55
N THR A 70 6.12 -13.08 -18.64
CA THR A 70 7.44 -12.54 -18.29
C THR A 70 7.73 -11.32 -19.14
N TRP A 71 7.42 -11.43 -20.42
CA TRP A 71 7.64 -10.32 -21.35
C TRP A 71 6.83 -9.10 -20.94
N LEU A 72 5.55 -9.30 -20.61
CA LEU A 72 4.77 -8.11 -20.24
C LEU A 72 5.15 -7.58 -18.86
N LYS A 73 5.61 -8.44 -17.91
CA LYS A 73 6.09 -7.89 -16.66
C LYS A 73 7.29 -6.97 -16.92
N ALA A 74 8.19 -7.39 -17.80
CA ALA A 74 9.34 -6.55 -18.13
C ALA A 74 8.90 -5.24 -18.76
N LEU A 75 8.03 -5.35 -19.77
CA LEU A 75 7.60 -4.15 -20.52
C LEU A 75 6.92 -3.15 -19.60
N THR A 76 5.96 -3.63 -18.78
CA THR A 76 5.22 -2.69 -17.96
C THR A 76 6.15 -2.04 -16.92
N TYR A 77 7.05 -2.83 -16.34
CA TYR A 77 8.01 -2.27 -15.37
C TYR A 77 8.94 -1.25 -16.04
N ALA A 78 9.39 -1.54 -17.24
CA ALA A 78 10.31 -0.61 -17.91
C ALA A 78 9.60 0.67 -18.29
N ILE A 79 8.35 0.56 -18.70
CA ILE A 79 7.58 1.74 -19.11
C ILE A 79 7.40 2.66 -17.92
N VAL A 80 7.00 2.08 -16.78
CA VAL A 80 6.78 2.86 -15.56
C VAL A 80 8.06 3.51 -15.07
N ASN A 81 9.22 2.82 -15.17
CA ASN A 81 10.43 3.22 -14.45
C ASN A 81 11.52 3.84 -15.33
N ARG A 82 11.22 4.12 -16.60
CA ARG A 82 12.28 4.49 -17.52
C ARG A 82 12.93 5.82 -17.16
N SER A 83 12.22 6.69 -16.45
CA SER A 83 12.81 7.97 -16.09
C SER A 83 13.43 7.93 -14.70
N ARG A 84 13.23 6.84 -13.96
CA ARG A 84 13.81 6.70 -12.63
C ARG A 84 15.25 6.24 -12.67
N TYR A 85 15.70 5.65 -13.76
CA TYR A 85 17.01 5.04 -13.77
C TYR A 85 17.73 5.40 -15.04
N ASP A 86 18.99 5.80 -14.89
CA ASP A 86 19.94 5.75 -16.00
C ASP A 86 19.91 4.37 -16.63
N ASP A 87 20.17 4.31 -17.94
CA ASP A 87 19.98 3.05 -18.66
C ASP A 87 20.73 1.92 -17.98
N ALA A 88 21.99 2.17 -17.64
CA ALA A 88 22.83 1.14 -17.04
C ALA A 88 22.40 0.77 -15.62
N ALA A 89 21.60 1.61 -14.95
CA ALA A 89 21.13 1.35 -13.60
C ALA A 89 19.77 0.64 -13.55
N ASN A 90 19.16 0.32 -14.68
CA ASN A 90 17.85 -0.30 -14.65
C ASN A 90 17.89 -1.61 -13.84
N PRO A 91 17.02 -1.78 -12.86
CA PRO A 91 17.00 -3.04 -12.08
C PRO A 91 16.68 -4.26 -12.90
N LEU A 92 16.03 -4.10 -14.07
CA LEU A 92 15.79 -5.29 -14.90
C LEU A 92 17.08 -5.89 -15.40
N LEU A 93 18.17 -5.12 -15.40
CA LEU A 93 19.43 -5.71 -15.84
C LEU A 93 19.99 -6.67 -14.82
N LYS A 94 19.44 -6.63 -13.59
CA LYS A 94 20.02 -7.33 -12.46
C LYS A 94 19.11 -8.39 -11.85
N ARG A 95 17.80 -8.38 -12.12
N ARG A 95 17.81 -8.36 -12.11
CA ARG A 95 16.87 -9.30 -11.47
CA ARG A 95 16.92 -9.37 -11.55
C ARG A 95 15.76 -9.69 -12.44
C ARG A 95 15.92 -9.81 -12.61
N ASN A 96 15.33 -10.95 -12.35
CA ASN A 96 14.31 -11.47 -13.25
C ASN A 96 13.05 -10.59 -13.20
N PRO A 97 12.34 -10.42 -14.33
CA PRO A 97 11.17 -9.53 -14.31
C PRO A 97 10.11 -9.94 -13.28
N HIS A 98 10.02 -11.23 -12.93
CA HIS A 98 8.98 -11.60 -11.96
C HIS A 98 9.17 -10.96 -10.59
N GLU A 99 10.39 -10.58 -10.24
CA GLU A 99 10.58 -9.91 -8.96
C GLU A 99 9.89 -8.54 -8.91
N PHE A 100 9.56 -7.92 -10.06
CA PHE A 100 9.07 -6.54 -10.01
C PHE A 100 7.57 -6.42 -10.18
N VAL A 101 6.87 -7.49 -10.53
CA VAL A 101 5.43 -7.42 -10.71
C VAL A 101 4.84 -8.62 -9.97
N PRO A 102 4.36 -8.42 -8.75
CA PRO A 102 3.92 -9.57 -7.93
C PRO A 102 2.59 -10.12 -8.44
N TYR A 103 2.45 -11.43 -8.28
CA TYR A 103 1.17 -12.08 -8.56
C TYR A 103 0.21 -11.97 -7.40
N VAL A 104 -1.06 -11.65 -7.72
CA VAL A 104 -2.13 -11.54 -6.75
C VAL A 104 -2.32 -12.87 -6.05
N GLU A 105 -2.40 -14.00 -6.82
CA GLU A 105 -2.77 -15.26 -6.14
C GLU A 105 -1.55 -16.05 -5.64
N ILE A 106 -0.32 -15.57 -5.87
CA ILE A 106 0.89 -16.29 -5.44
C ILE A 106 1.69 -15.41 -4.47
N ASP A 107 2.27 -14.30 -4.95
CA ASP A 107 3.12 -13.47 -4.08
C ASP A 107 2.36 -12.86 -2.94
N PHE A 108 1.19 -12.24 -3.23
CA PHE A 108 0.38 -11.65 -2.19
C PHE A 108 -0.10 -12.69 -1.15
N ALA A 109 -0.31 -13.94 -1.57
CA ALA A 109 -0.73 -14.99 -0.65
C ALA A 109 0.44 -15.57 0.10
N PHE A 110 1.39 -16.15 -0.64
CA PHE A 110 2.45 -16.95 -0.05
C PHE A 110 3.59 -16.09 0.49
N TYR A 111 3.88 -14.94 -0.13
CA TYR A 111 5.12 -14.19 0.14
C TYR A 111 4.81 -12.71 0.37
N PRO A 112 3.87 -12.38 1.27
CA PRO A 112 3.40 -10.97 1.35
C PRO A 112 4.44 -9.98 1.86
N THR A 113 5.55 -10.44 2.41
CA THR A 113 6.58 -9.51 2.89
C THR A 113 7.63 -9.13 1.84
N VAL A 114 7.58 -9.63 0.60
CA VAL A 114 8.56 -9.20 -0.40
C VAL A 114 8.49 -7.65 -0.54
N ASP A 115 9.66 -7.04 -0.82
CA ASP A 115 9.77 -5.58 -0.82
C ASP A 115 8.74 -4.96 -1.73
N VAL A 116 8.50 -5.53 -2.91
CA VAL A 116 7.62 -4.80 -3.83
C VAL A 116 6.21 -4.75 -3.27
N LEU A 117 5.81 -5.75 -2.50
CA LEU A 117 4.46 -5.66 -1.95
C LEU A 117 4.36 -4.71 -0.77
N GLN A 118 5.50 -4.34 -0.18
CA GLN A 118 5.53 -3.34 0.89
C GLN A 118 5.70 -1.93 0.33
N ASP A 119 5.89 -1.81 -0.97
CA ASP A 119 6.13 -0.52 -1.61
C ASP A 119 4.80 0.17 -1.94
N ARG A 120 4.44 1.22 -1.18
CA ARG A 120 3.13 1.86 -1.41
C ARG A 120 3.05 2.55 -2.77
N LYS A 121 4.19 2.83 -3.39
CA LYS A 121 4.27 3.44 -4.69
C LYS A 121 3.95 2.44 -5.84
N ASN A 122 4.17 1.14 -5.64
CA ASN A 122 4.08 0.23 -6.78
C ASN A 122 2.66 0.15 -7.33
N PRO A 123 2.45 0.37 -8.63
CA PRO A 123 1.12 0.12 -9.22
C PRO A 123 0.97 -1.21 -9.98
N LEU A 124 2.03 -1.99 -10.20
CA LEU A 124 2.01 -3.16 -11.09
C LEU A 124 1.68 -4.46 -10.35
N PHE A 125 0.67 -5.20 -10.86
CA PHE A 125 0.35 -6.53 -10.35
C PHE A 125 0.08 -7.44 -11.53
N SER A 126 0.13 -8.73 -11.29
CA SER A 126 -0.15 -9.68 -12.37
C SER A 126 -1.04 -10.78 -11.85
N THR A 127 -1.72 -11.47 -12.77
CA THR A 127 -2.50 -12.63 -12.30
C THR A 127 -2.77 -13.59 -13.48
N HIS A 128 -2.95 -14.87 -13.16
CA HIS A 128 -3.55 -15.83 -14.09
C HIS A 128 -5.01 -16.15 -13.74
N ILE A 129 -5.58 -15.45 -12.74
CA ILE A 129 -6.97 -15.80 -12.33
C ILE A 129 -7.92 -15.57 -13.54
N PRO A 130 -8.84 -16.49 -13.85
CA PRO A 130 -9.83 -16.24 -14.93
C PRO A 130 -10.66 -14.99 -14.69
N ASN A 131 -10.96 -14.27 -15.79
CA ASN A 131 -11.64 -12.99 -15.64
C ASN A 131 -12.88 -13.04 -14.71
N GLY A 132 -13.79 -14.03 -14.89
CA GLY A 132 -15.01 -14.20 -14.09
C GLY A 132 -14.78 -14.41 -12.60
N LEU A 133 -13.54 -14.67 -12.17
CA LEU A 133 -13.22 -14.94 -10.80
C LEU A 133 -12.37 -13.86 -10.18
N LEU A 134 -12.10 -12.76 -10.89
CA LEU A 134 -11.25 -11.74 -10.31
C LEU A 134 -11.89 -11.18 -9.03
N PRO A 135 -11.09 -10.90 -7.98
CA PRO A 135 -11.62 -10.24 -6.77
C PRO A 135 -12.46 -9.01 -7.06
N ASP A 136 -13.53 -8.81 -6.28
CA ASP A 136 -14.42 -7.66 -6.50
C ASP A 136 -13.64 -6.35 -6.41
N SER A 137 -12.65 -6.28 -5.51
CA SER A 137 -11.89 -5.05 -5.38
C SER A 137 -11.23 -4.70 -6.71
N ILE A 138 -10.73 -5.69 -7.43
CA ILE A 138 -10.14 -5.44 -8.74
C ILE A 138 -11.22 -4.99 -9.73
N VAL A 139 -12.35 -5.70 -9.76
CA VAL A 139 -13.41 -5.33 -10.70
C VAL A 139 -13.88 -3.91 -10.42
N ASN A 140 -14.12 -3.61 -9.13
CA ASN A 140 -14.71 -2.32 -8.74
C ASN A 140 -13.72 -1.13 -8.81
N SER A 141 -12.41 -1.37 -8.84
CA SER A 141 -11.47 -0.26 -8.83
C SER A 141 -11.48 0.52 -10.13
N GLY A 142 -11.93 -0.10 -11.21
CA GLY A 142 -11.68 0.38 -12.55
C GLY A 142 -10.25 0.40 -12.99
N CYS A 143 -9.32 -0.27 -12.28
CA CYS A 143 -7.96 -0.27 -12.77
C CYS A 143 -7.90 -0.86 -14.18
N LYS A 144 -6.96 -0.37 -14.97
CA LYS A 144 -6.80 -0.94 -16.31
C LYS A 144 -5.99 -2.23 -16.28
N MET A 145 -6.11 -2.99 -17.35
CA MET A 145 -5.57 -4.33 -17.44
C MET A 145 -5.09 -4.56 -18.85
N VAL A 146 -4.07 -5.42 -18.98
CA VAL A 146 -3.68 -5.92 -20.29
C VAL A 146 -3.81 -7.44 -20.24
N TYR A 147 -4.33 -8.05 -21.31
CA TYR A 147 -4.37 -9.51 -21.41
C TYR A 147 -3.60 -9.94 -22.65
N ILE A 148 -2.80 -10.98 -22.56
CA ILE A 148 -2.14 -11.45 -23.77
C ILE A 148 -2.50 -12.92 -23.92
N TRP A 149 -2.58 -13.39 -25.15
CA TRP A 149 -2.82 -14.80 -25.45
C TRP A 149 -1.96 -15.18 -26.64
N ARG A 150 -1.87 -16.48 -26.86
CA ARG A 150 -0.87 -17.07 -27.75
C ARG A 150 -1.48 -18.30 -28.41
N ASP A 151 -0.99 -18.60 -29.61
CA ASP A 151 -1.43 -19.88 -30.26
C ASP A 151 -1.41 -21.03 -29.24
N PRO A 152 -2.53 -21.76 -29.09
CA PRO A 152 -2.56 -22.87 -28.12
C PRO A 152 -1.51 -23.93 -28.39
N LYS A 153 -1.12 -24.15 -29.65
CA LYS A 153 -0.06 -25.11 -29.91
C LYS A 153 1.27 -24.66 -29.29
N ASP A 154 1.66 -23.39 -29.52
CA ASP A 154 2.90 -22.91 -28.90
C ASP A 154 2.77 -22.82 -27.36
N THR A 155 1.60 -22.44 -26.88
CA THR A 155 1.36 -22.33 -25.44
C THR A 155 1.54 -23.69 -24.76
N PHE A 156 0.98 -24.75 -25.38
CA PHE A 156 1.13 -26.11 -24.84
C PHE A 156 2.61 -26.52 -24.80
N ILE A 157 3.33 -26.33 -25.92
CA ILE A 157 4.72 -26.77 -25.96
C ILE A 157 5.55 -26.00 -24.94
N SER A 158 5.33 -24.68 -24.86
CA SER A 158 6.00 -23.87 -23.85
C SER A 158 5.80 -24.45 -22.46
N MET A 159 4.57 -24.86 -22.14
CA MET A 159 4.27 -25.42 -20.81
C MET A 159 4.96 -26.77 -20.63
N TRP A 160 4.79 -27.68 -21.59
CA TRP A 160 5.30 -29.05 -21.36
C TRP A 160 6.83 -29.02 -21.18
N THR A 161 7.51 -28.24 -22.02
CA THR A 161 8.96 -28.15 -21.91
C THR A 161 9.38 -27.48 -20.59
N PHE A 162 8.68 -26.39 -20.20
CA PHE A 162 8.98 -25.67 -18.95
C PHE A 162 8.89 -26.59 -17.75
N LEU A 163 7.90 -27.50 -17.76
CA LEU A 163 7.64 -28.33 -16.59
C LEU A 163 8.73 -29.35 -16.38
N HIS A 164 9.49 -29.70 -17.42
CA HIS A 164 10.69 -30.51 -17.12
C HIS A 164 11.68 -29.83 -16.20
N LYS A 165 11.62 -28.52 -16.03
CA LYS A 165 12.62 -27.78 -15.30
C LYS A 165 12.25 -27.50 -13.86
N GLU A 166 11.07 -27.95 -13.40
CA GLU A 166 10.61 -27.62 -12.05
C GLU A 166 11.50 -28.34 -11.01
N LYS A 167 11.83 -27.66 -9.92
CA LYS A 167 12.74 -28.27 -8.93
C LYS A 167 12.06 -29.47 -8.29
N SER A 168 12.87 -30.54 -8.12
CA SER A 168 12.43 -31.78 -7.47
C SER A 168 11.21 -32.40 -8.16
N GLN A 169 11.25 -32.41 -9.50
CA GLN A 169 10.18 -33.07 -10.26
C GLN A 169 10.72 -33.84 -11.46
N GLU A 170 12.02 -34.10 -11.54
CA GLU A 170 12.59 -34.90 -12.63
C GLU A 170 11.89 -36.26 -12.75
N GLY A 171 11.54 -36.62 -14.00
CA GLY A 171 10.83 -37.86 -14.32
C GLY A 171 9.34 -37.86 -14.03
N GLN A 172 8.88 -36.92 -13.21
CA GLN A 172 7.50 -36.87 -12.75
C GLN A 172 6.62 -36.12 -13.75
N LEU A 173 6.56 -36.60 -15.00
CA LEU A 173 5.83 -35.82 -16.02
C LEU A 173 5.31 -36.72 -17.12
N ALA A 174 4.04 -36.52 -17.48
CA ALA A 174 3.43 -37.40 -18.47
C ALA A 174 4.09 -37.14 -19.82
N SER A 175 3.97 -38.12 -20.70
CA SER A 175 4.50 -38.00 -22.06
C SER A 175 3.93 -36.79 -22.81
N LEU A 176 4.62 -36.41 -23.89
CA LEU A 176 4.09 -35.34 -24.73
C LEU A 176 2.67 -35.63 -25.16
N GLU A 177 2.42 -36.86 -25.65
CA GLU A 177 1.11 -37.13 -26.24
C GLU A 177 0.00 -37.16 -25.18
N ASP A 178 0.30 -37.71 -24.00
CA ASP A 178 -0.69 -37.75 -22.92
C ASP A 178 -0.90 -36.36 -22.34
N SER A 179 0.16 -35.57 -22.27
CA SER A 179 0.00 -34.20 -21.79
C SER A 179 -0.84 -33.42 -22.75
N PHE A 180 -0.60 -33.61 -24.05
CA PHE A 180 -1.38 -32.90 -25.05
C PHE A 180 -2.86 -33.27 -24.96
N ASP A 181 -3.15 -34.57 -24.75
CA ASP A 181 -4.51 -35.05 -24.59
C ASP A 181 -5.17 -34.34 -23.41
N MET A 182 -4.50 -34.26 -22.24
CA MET A 182 -5.20 -33.52 -21.18
C MET A 182 -5.27 -32.01 -21.43
N PHE A 183 -4.27 -31.38 -22.05
CA PHE A 183 -4.44 -29.99 -22.43
C PHE A 183 -5.69 -29.77 -23.29
N CYS A 184 -5.89 -30.62 -24.31
CA CYS A 184 -7.02 -30.51 -25.21
C CYS A 184 -8.35 -30.75 -24.49
N LYS A 185 -8.35 -31.58 -23.48
CA LYS A 185 -9.57 -31.80 -22.70
C LYS A 185 -9.77 -30.69 -21.67
N GLY A 186 -8.85 -29.72 -21.65
CA GLY A 186 -8.97 -28.57 -20.76
C GLY A 186 -8.37 -28.79 -19.37
N LEU A 187 -7.68 -29.92 -19.17
CA LEU A 187 -7.13 -30.30 -17.87
C LEU A 187 -5.70 -29.77 -17.79
N SER A 188 -5.56 -28.58 -17.23
CA SER A 188 -4.26 -27.93 -17.05
C SER A 188 -4.48 -26.87 -15.98
N VAL A 189 -3.42 -26.39 -15.36
CA VAL A 189 -3.58 -25.43 -14.25
C VAL A 189 -4.05 -24.11 -14.80
N TYR A 190 -5.13 -23.57 -14.22
CA TYR A 190 -5.86 -22.38 -14.74
C TYR A 190 -6.67 -22.71 -16.00
N GLY A 191 -6.59 -23.91 -16.52
CA GLY A 191 -7.33 -24.23 -17.72
C GLY A 191 -8.80 -24.46 -17.43
N PRO A 192 -9.61 -24.67 -18.49
CA PRO A 192 -9.17 -24.86 -19.89
C PRO A 192 -8.59 -23.57 -20.48
N TYR A 193 -7.51 -23.71 -21.24
CA TYR A 193 -6.88 -22.51 -21.80
C TYR A 193 -7.87 -21.69 -22.67
N LEU A 194 -8.61 -22.35 -23.58
CA LEU A 194 -9.45 -21.56 -24.50
C LEU A 194 -10.54 -20.81 -23.71
N ASP A 195 -11.09 -21.42 -22.65
N ASP A 195 -11.04 -21.40 -22.63
CA ASP A 195 -12.07 -20.74 -21.80
CA ASP A 195 -12.04 -20.72 -21.81
C ASP A 195 -11.45 -19.52 -21.11
C ASP A 195 -11.44 -19.52 -21.10
N HIS A 196 -10.19 -19.65 -20.69
CA HIS A 196 -9.44 -18.52 -20.13
C HIS A 196 -9.42 -17.32 -21.11
N VAL A 197 -9.02 -17.57 -22.35
CA VAL A 197 -8.94 -16.50 -23.33
C VAL A 197 -10.32 -15.92 -23.61
N LEU A 198 -11.32 -16.79 -23.87
CA LEU A 198 -12.66 -16.31 -24.15
C LEU A 198 -13.20 -15.42 -23.02
N GLY A 199 -12.89 -15.78 -21.77
CA GLY A 199 -13.36 -14.97 -20.62
C GLY A 199 -12.84 -13.53 -20.68
N TYR A 200 -11.56 -13.39 -21.03
CA TYR A 200 -11.04 -12.04 -21.11
C TYR A 200 -11.52 -11.36 -22.40
N TRP A 201 -11.73 -12.12 -23.46
CA TRP A 201 -12.18 -11.50 -24.69
C TRP A 201 -13.55 -10.88 -24.46
N LYS A 202 -14.44 -11.59 -23.78
CA LYS A 202 -15.76 -11.08 -23.55
C LYS A 202 -15.73 -9.85 -22.65
N ALA A 203 -14.79 -9.82 -21.70
CA ALA A 203 -14.60 -8.64 -20.85
C ALA A 203 -14.12 -7.45 -21.68
N TYR A 204 -13.17 -7.72 -22.58
CA TYR A 204 -12.70 -6.70 -23.51
C TYR A 204 -13.87 -6.13 -24.30
N GLN A 205 -14.69 -7.00 -24.91
CA GLN A 205 -15.86 -6.57 -25.65
C GLN A 205 -16.76 -5.65 -24.84
N GLU A 206 -16.99 -5.99 -23.57
CA GLU A 206 -17.89 -5.19 -22.74
C GLU A 206 -17.24 -3.91 -22.23
N ASN A 207 -15.91 -3.88 -22.07
CA ASN A 207 -15.23 -2.74 -21.45
C ASN A 207 -13.96 -2.41 -22.25
N PRO A 208 -14.10 -2.04 -23.52
CA PRO A 208 -12.90 -1.95 -24.35
C PRO A 208 -11.98 -0.81 -23.98
N ASP A 209 -12.41 0.13 -23.13
CA ASP A 209 -11.52 1.19 -22.65
C ASP A 209 -10.68 0.77 -21.47
N ARG A 210 -11.04 -0.32 -20.84
CA ARG A 210 -10.38 -0.80 -19.63
C ARG A 210 -9.35 -1.90 -19.88
N ILE A 211 -9.44 -2.63 -21.00
CA ILE A 211 -8.61 -3.80 -21.28
C ILE A 211 -7.90 -3.63 -22.62
N LEU A 212 -6.59 -3.85 -22.63
CA LEU A 212 -5.81 -3.92 -23.86
C LEU A 212 -5.61 -5.39 -24.19
N PHE A 213 -6.09 -5.82 -25.31
CA PHE A 213 -6.13 -7.23 -25.64
C PHE A 213 -5.04 -7.51 -26.68
N LEU A 214 -3.99 -8.25 -26.29
CA LEU A 214 -2.76 -8.41 -27.05
C LEU A 214 -2.57 -9.86 -27.48
N ARG A 215 -1.88 -10.06 -28.61
CA ARG A 215 -1.57 -11.41 -29.07
C ARG A 215 -0.06 -11.58 -29.18
N TYR A 216 0.47 -12.62 -28.52
CA TYR A 216 1.93 -12.85 -28.51
C TYR A 216 2.54 -12.73 -29.91
N GLU A 217 1.94 -13.43 -30.90
CA GLU A 217 2.55 -13.56 -32.22
C GLU A 217 2.61 -12.22 -32.94
N THR A 218 1.56 -11.41 -32.82
N THR A 218 1.57 -11.39 -32.82
CA THR A 218 1.54 -10.11 -33.45
CA THR A 218 1.66 -10.11 -33.53
C THR A 218 2.56 -9.15 -32.84
C THR A 218 2.61 -9.14 -32.83
N MET A 219 2.63 -9.13 -31.50
CA MET A 219 3.68 -8.36 -30.82
C MET A 219 5.06 -8.83 -31.18
N ARG A 220 5.28 -10.15 -31.19
CA ARG A 220 6.62 -10.65 -31.51
C ARG A 220 7.07 -10.15 -32.90
N ALA A 221 6.17 -10.21 -33.89
CA ALA A 221 6.51 -9.79 -35.25
C ALA A 221 6.88 -8.31 -35.32
N ASN A 222 6.21 -7.45 -34.55
CA ASN A 222 6.38 -6.02 -34.74
C ASN A 222 6.13 -5.33 -33.39
N PRO A 223 7.09 -5.44 -32.46
CA PRO A 223 6.80 -4.96 -31.08
C PRO A 223 6.68 -3.45 -30.91
N LEU A 224 7.43 -2.63 -31.66
CA LEU A 224 7.44 -1.21 -31.35
C LEU A 224 6.05 -0.57 -31.32
N PRO A 225 5.15 -0.77 -32.32
CA PRO A 225 3.84 -0.07 -32.24
C PRO A 225 3.03 -0.52 -31.04
N PHE A 226 3.14 -1.80 -30.68
CA PHE A 226 2.42 -2.32 -29.51
C PHE A 226 2.97 -1.76 -28.20
N VAL A 227 4.30 -1.65 -28.08
CA VAL A 227 4.86 -1.05 -26.86
C VAL A 227 4.43 0.40 -26.75
N LYS A 228 4.43 1.15 -27.85
CA LYS A 228 3.95 2.51 -27.74
C LYS A 228 2.49 2.54 -27.30
N ARG A 229 1.67 1.63 -27.83
CA ARG A 229 0.26 1.62 -27.47
C ARG A 229 0.07 1.25 -26.03
N LEU A 230 0.80 0.22 -25.58
CA LEU A 230 0.73 -0.14 -24.19
C LEU A 230 1.10 1.03 -23.26
N ALA A 231 2.19 1.74 -23.57
CA ALA A 231 2.63 2.82 -22.66
C ALA A 231 1.56 3.90 -22.59
N GLU A 232 1.04 4.30 -23.76
CA GLU A 232 -0.10 5.21 -23.80
C GLU A 232 -1.25 4.68 -22.96
N PHE A 233 -1.62 3.41 -23.18
CA PHE A 233 -2.82 2.89 -22.53
C PHE A 233 -2.67 2.94 -21.03
N MET A 234 -1.45 2.73 -20.56
CA MET A 234 -1.05 2.68 -19.15
C MET A 234 -1.06 4.08 -18.50
N GLY A 235 -1.01 5.13 -19.32
CA GLY A 235 -0.88 6.50 -18.86
C GLY A 235 0.55 7.00 -18.79
N TYR A 236 1.49 6.32 -19.44
CA TYR A 236 2.90 6.65 -19.42
C TYR A 236 3.39 6.75 -20.85
N GLY A 237 2.58 7.37 -21.71
CA GLY A 237 2.90 7.41 -23.12
C GLY A 237 4.22 8.12 -23.39
N PHE A 238 4.90 7.69 -24.45
CA PHE A 238 6.18 8.30 -24.81
C PHE A 238 5.96 9.69 -25.38
N THR A 239 6.73 10.67 -24.89
CA THR A 239 6.61 12.02 -25.42
C THR A 239 7.32 12.18 -26.76
N ASP A 240 7.09 13.34 -27.39
CA ASP A 240 7.77 13.62 -28.65
C ASP A 240 9.29 13.67 -28.47
N GLU A 241 9.77 14.31 -27.40
CA GLU A 241 11.21 14.30 -27.12
C GLU A 241 11.72 12.87 -26.96
N GLU A 242 11.02 12.05 -26.16
CA GLU A 242 11.39 10.64 -26.02
C GLU A 242 11.46 9.92 -27.36
N GLU A 243 10.49 10.18 -28.25
CA GLU A 243 10.55 9.50 -29.55
C GLU A 243 11.73 9.99 -30.36
N GLU A 244 12.03 11.28 -30.24
CA GLU A 244 13.21 11.81 -30.92
C GLU A 244 14.47 11.10 -30.43
N ASN A 245 14.55 10.82 -29.12
CA ASN A 245 15.70 10.20 -28.48
C ASN A 245 15.65 8.66 -28.44
N GLY A 246 14.86 8.02 -29.30
CA GLY A 246 14.78 6.55 -29.36
C GLY A 246 14.40 5.81 -28.08
N VAL A 247 13.64 6.44 -27.18
CA VAL A 247 13.38 5.83 -25.87
C VAL A 247 12.48 4.61 -25.99
N ALA A 248 11.47 4.66 -26.89
CA ALA A 248 10.58 3.50 -27.02
C ALA A 248 11.36 2.31 -27.59
N GLU A 249 12.26 2.58 -28.54
CA GLU A 249 13.08 1.50 -29.09
C GLU A 249 14.00 0.92 -28.02
N LYS A 250 14.47 1.77 -27.09
CA LYS A 250 15.30 1.33 -25.96
C LYS A 250 14.51 0.41 -25.03
N VAL A 251 13.26 0.75 -24.73
CA VAL A 251 12.42 -0.17 -23.92
C VAL A 251 12.22 -1.53 -24.60
N VAL A 252 11.86 -1.54 -25.89
CA VAL A 252 11.70 -2.79 -26.64
C VAL A 252 12.96 -3.64 -26.53
N LYS A 253 14.11 -3.04 -26.78
CA LYS A 253 15.35 -3.81 -26.76
C LYS A 253 15.65 -4.34 -25.36
N LEU A 254 15.48 -3.51 -24.32
CA LEU A 254 15.74 -3.95 -22.96
C LEU A 254 14.84 -5.14 -22.55
N CYS A 255 13.59 -5.13 -22.98
CA CYS A 255 12.66 -6.20 -22.60
C CYS A 255 12.61 -7.32 -23.60
N SER A 256 13.42 -7.28 -24.66
CA SER A 256 13.33 -8.32 -25.65
C SER A 256 13.85 -9.65 -25.08
N PHE A 257 13.36 -10.71 -25.70
CA PHE A 257 13.82 -12.06 -25.37
C PHE A 257 15.34 -12.15 -25.43
N GLU A 258 15.94 -11.56 -26.46
CA GLU A 258 17.36 -11.73 -26.68
C GLU A 258 18.15 -11.04 -25.59
N THR A 259 17.68 -9.90 -25.09
CA THR A 259 18.39 -9.24 -24.00
C THR A 259 18.25 -10.03 -22.72
N LEU A 260 17.02 -10.44 -22.38
CA LEU A 260 16.80 -10.86 -21.00
C LEU A 260 17.41 -12.23 -20.78
N LYS A 261 17.31 -13.09 -21.80
CA LYS A 261 17.88 -14.42 -21.79
C LYS A 261 19.39 -14.39 -21.54
N ASN A 262 20.06 -13.36 -22.03
CA ASN A 262 21.52 -13.31 -21.97
C ASN A 262 22.06 -12.54 -20.79
N LEU A 263 21.20 -11.98 -19.95
CA LEU A 263 21.63 -11.37 -18.70
C LEU A 263 22.15 -12.44 -17.72
N GLU A 264 23.17 -12.07 -16.93
CA GLU A 264 23.77 -13.00 -15.98
C GLU A 264 22.74 -13.47 -14.96
N ALA A 265 21.87 -12.56 -14.56
CA ALA A 265 20.81 -12.86 -13.60
C ALA A 265 19.88 -13.97 -14.05
N ASN A 266 19.79 -14.25 -15.36
CA ASN A 266 18.82 -15.18 -15.93
C ASN A 266 19.50 -16.40 -16.53
N LYS A 267 20.73 -16.66 -16.13
CA LYS A 267 21.45 -17.75 -16.73
C LYS A 267 21.73 -18.86 -15.71
N GLY A 268 21.87 -20.07 -16.26
CA GLY A 268 22.33 -21.19 -15.45
C GLY A 268 21.23 -21.64 -14.51
N ASP A 269 21.62 -21.96 -13.28
CA ASP A 269 20.68 -22.36 -12.24
C ASP A 269 20.37 -21.24 -11.30
N LYS A 270 20.72 -19.99 -11.65
CA LYS A 270 20.46 -18.89 -10.74
C LYS A 270 18.95 -18.71 -10.56
N GLU A 271 18.54 -18.46 -9.32
CA GLU A 271 17.14 -18.27 -8.96
C GLU A 271 16.92 -16.84 -8.50
N ARG A 272 15.66 -16.46 -8.44
CA ARG A 272 15.28 -15.14 -7.95
C ARG A 272 15.71 -14.98 -6.48
N GLU A 273 15.93 -13.74 -6.06
CA GLU A 273 16.48 -13.47 -4.73
C GLU A 273 15.44 -12.91 -3.77
N ASP A 274 14.22 -12.72 -4.20
CA ASP A 274 13.23 -12.08 -3.32
C ASP A 274 12.48 -13.09 -2.45
N ARG A 275 12.17 -14.27 -2.99
CA ARG A 275 11.42 -15.28 -2.26
C ARG A 275 11.67 -16.64 -2.92
N PRO A 276 11.27 -17.75 -2.27
CA PRO A 276 11.64 -19.08 -2.79
C PRO A 276 11.08 -19.37 -4.17
N ALA A 277 11.85 -20.11 -4.96
CA ALA A 277 11.49 -20.45 -6.33
C ALA A 277 11.56 -21.95 -6.56
N VAL A 278 10.67 -22.48 -7.42
CA VAL A 278 10.88 -23.85 -7.88
C VAL A 278 11.43 -23.91 -9.30
N TYR A 279 11.74 -22.76 -9.91
CA TYR A 279 12.35 -22.69 -11.24
C TYR A 279 13.58 -21.80 -11.23
N ALA A 280 14.61 -22.19 -11.97
CA ALA A 280 15.66 -21.23 -12.24
C ALA A 280 15.09 -20.14 -13.16
N ASN A 281 15.64 -18.94 -13.04
CA ASN A 281 15.26 -17.82 -13.92
C ASN A 281 15.40 -18.20 -15.39
N SER A 282 16.41 -19.01 -15.73
CA SER A 282 16.64 -19.41 -17.12
C SER A 282 15.47 -20.22 -17.68
N ALA A 283 14.66 -20.85 -16.83
CA ALA A 283 13.52 -21.62 -17.33
C ALA A 283 12.46 -20.72 -17.99
N TYR A 284 12.49 -19.42 -17.68
CA TYR A 284 11.51 -18.51 -18.29
C TYR A 284 11.88 -18.09 -19.70
N PHE A 285 13.09 -18.39 -20.18
CA PHE A 285 13.58 -17.96 -21.51
C PHE A 285 14.06 -19.19 -22.27
N ARG A 286 13.17 -19.77 -23.09
CA ARG A 286 13.46 -21.05 -23.71
C ARG A 286 13.90 -20.80 -25.15
N LYS A 287 12.96 -20.64 -26.07
CA LYS A 287 13.32 -20.28 -27.44
C LYS A 287 12.73 -18.97 -27.91
N GLY A 288 11.59 -18.58 -27.39
CA GLY A 288 11.03 -17.27 -27.74
C GLY A 288 10.56 -17.17 -29.18
N LYS A 289 10.20 -18.29 -29.82
CA LYS A 289 9.86 -18.27 -31.23
C LYS A 289 8.35 -18.43 -31.42
N VAL A 290 7.91 -18.24 -32.64
CA VAL A 290 6.54 -18.51 -33.02
C VAL A 290 6.61 -19.71 -33.96
N GLY A 291 5.91 -20.79 -33.62
CA GLY A 291 5.85 -21.96 -34.46
C GLY A 291 6.71 -23.13 -34.02
N ASP A 292 7.33 -23.08 -32.84
CA ASP A 292 8.09 -24.23 -32.36
C ASP A 292 7.23 -25.47 -32.22
N TRP A 293 5.89 -25.31 -32.09
CA TRP A 293 5.04 -26.51 -32.06
C TRP A 293 5.30 -27.44 -33.26
N ALA A 294 5.69 -26.86 -34.40
CA ALA A 294 5.95 -27.60 -35.65
C ALA A 294 6.98 -28.71 -35.47
N ASN A 295 7.81 -28.60 -34.44
CA ASN A 295 8.83 -29.58 -34.14
C ASN A 295 8.38 -30.63 -33.16
N TYR A 296 7.12 -30.59 -32.74
CA TYR A 296 6.61 -31.54 -31.73
C TYR A 296 5.30 -32.22 -32.10
N LEU A 297 4.41 -31.52 -32.79
CA LEU A 297 3.07 -32.03 -33.01
C LEU A 297 2.94 -32.57 -34.43
N THR A 298 2.18 -33.62 -34.58
CA THR A 298 1.80 -34.15 -35.89
C THR A 298 0.64 -33.34 -36.50
N PRO A 299 0.42 -33.47 -37.82
CA PRO A 299 -0.79 -32.87 -38.40
C PRO A 299 -2.07 -33.31 -37.69
N GLU A 300 -2.14 -34.57 -37.24
CA GLU A 300 -3.35 -35.04 -36.55
C GLU A 300 -3.55 -34.33 -35.21
N MET A 301 -2.50 -34.21 -34.39
CA MET A 301 -2.66 -33.42 -33.17
C MET A 301 -2.95 -31.96 -33.45
N ALA A 302 -2.35 -31.36 -34.50
CA ALA A 302 -2.66 -29.98 -34.83
C ALA A 302 -4.11 -29.79 -35.21
N ALA A 303 -4.66 -30.75 -35.95
CA ALA A 303 -6.02 -30.62 -36.38
C ALA A 303 -6.95 -30.69 -35.19
N ARG A 304 -6.61 -31.51 -34.20
CA ARG A 304 -7.49 -31.66 -33.03
C ARG A 304 -7.65 -30.32 -32.31
N ILE A 305 -6.52 -29.73 -31.90
CA ILE A 305 -6.52 -28.46 -31.17
C ILE A 305 -7.05 -27.35 -32.06
N ASP A 306 -6.67 -27.34 -33.36
CA ASP A 306 -7.20 -26.28 -34.21
C ASP A 306 -8.74 -26.40 -34.36
N GLY A 307 -9.27 -27.63 -34.37
CA GLY A 307 -10.72 -27.78 -34.41
C GLY A 307 -11.36 -27.28 -33.11
N LEU A 308 -10.67 -27.47 -31.97
CA LEU A 308 -11.23 -26.98 -30.70
C LEU A 308 -11.26 -25.46 -30.66
N VAL A 309 -10.29 -24.83 -31.31
CA VAL A 309 -10.25 -23.38 -31.36
C VAL A 309 -11.39 -22.85 -32.20
N GLU A 310 -11.61 -23.45 -33.38
CA GLU A 310 -12.70 -22.97 -34.24
C GLU A 310 -14.02 -23.09 -33.52
N GLU A 311 -14.20 -24.18 -32.80
CA GLU A 311 -15.48 -24.40 -32.15
C GLU A 311 -15.67 -23.47 -30.96
N LYS A 312 -14.61 -23.23 -30.17
CA LYS A 312 -14.75 -22.37 -29.00
C LYS A 312 -14.94 -20.93 -29.40
N PHE A 313 -14.30 -20.50 -30.48
CA PHE A 313 -14.25 -19.10 -30.82
C PHE A 313 -15.24 -18.74 -31.93
N LYS A 314 -15.93 -19.72 -32.47
CA LYS A 314 -16.98 -19.47 -33.46
C LYS A 314 -17.97 -18.39 -33.00
N ASP A 315 -18.27 -17.46 -33.89
CA ASP A 315 -19.28 -16.44 -33.64
C ASP A 315 -18.93 -15.49 -32.50
N THR A 316 -17.66 -15.44 -32.03
CA THR A 316 -17.34 -14.52 -30.94
C THR A 316 -16.65 -13.24 -31.40
N GLY A 317 -16.08 -13.21 -32.60
CA GLY A 317 -15.31 -12.07 -33.02
C GLY A 317 -13.84 -12.16 -32.70
N LEU A 318 -13.44 -13.17 -31.92
CA LEU A 318 -12.07 -13.15 -31.39
C LEU A 318 -11.02 -13.20 -32.49
N LEU A 319 -11.12 -14.19 -33.37
CA LEU A 319 -10.10 -14.40 -34.39
C LEU A 319 -10.02 -13.25 -35.40
N GLN A 320 -11.00 -12.31 -35.41
CA GLN A 320 -10.99 -11.16 -36.31
C GLN A 320 -10.27 -9.96 -35.70
N HIS A 321 -10.02 -9.97 -34.40
CA HIS A 321 -9.54 -8.75 -33.77
C HIS A 321 -8.08 -8.52 -34.13
N ASP A 322 -7.77 -7.28 -34.51
CA ASP A 322 -6.44 -6.93 -34.99
C ASP A 322 -6.03 -5.62 -34.34
N GLU B 2 13.28 -3.14 7.31
CA GLU B 2 13.37 -3.45 8.73
C GLU B 2 13.91 -2.28 9.58
N PHE B 3 13.17 -2.08 10.67
CA PHE B 3 13.49 -1.04 11.61
C PHE B 3 14.77 -1.38 12.35
N GLU B 4 14.96 -2.66 12.67
CA GLU B 4 16.19 -3.02 13.37
C GLU B 4 17.40 -2.66 12.51
N LYS B 5 17.25 -2.77 11.19
CA LYS B 5 18.29 -2.32 10.29
C LYS B 5 18.46 -0.81 10.36
N THR B 6 17.35 -0.05 10.40
CA THR B 6 17.49 1.39 10.56
C THR B 6 18.20 1.71 11.85
N GLN B 7 17.81 1.03 12.92
CA GLN B 7 18.46 1.29 14.20
C GLN B 7 19.98 1.08 14.14
N LYS B 8 20.45 -0.01 13.52
CA LYS B 8 21.92 -0.17 13.49
C LYS B 8 22.55 0.86 12.58
N LYS B 9 21.85 1.26 11.50
CA LYS B 9 22.42 2.22 10.55
C LYS B 9 22.67 3.58 11.20
N TYR B 10 21.79 4.01 12.13
CA TYR B 10 21.89 5.37 12.69
C TYR B 10 22.48 5.41 14.09
N GLN B 11 22.82 4.26 14.66
CA GLN B 11 23.14 4.19 16.08
C GLN B 11 24.38 4.98 16.45
N ASP B 12 25.42 4.93 15.60
CA ASP B 12 26.60 5.75 15.87
C ASP B 12 26.28 7.24 15.74
N PHE B 13 25.57 7.62 14.68
CA PHE B 13 25.21 9.02 14.51
C PHE B 13 24.44 9.54 15.74
N ILE B 14 23.42 8.80 16.16
CA ILE B 14 22.58 9.23 17.29
C ILE B 14 23.39 9.35 18.56
N ALA B 15 24.44 8.52 18.73
CA ALA B 15 25.27 8.67 19.91
C ALA B 15 26.11 9.92 19.91
N THR B 16 26.38 10.53 18.74
CA THR B 16 27.16 11.79 18.73
C THR B 16 26.30 13.03 18.99
N LEU B 17 24.97 12.90 18.97
CA LEU B 17 24.09 14.06 19.14
C LEU B 17 24.06 14.58 20.59
N PRO B 18 23.74 15.86 20.78
CA PRO B 18 23.59 16.40 22.14
C PRO B 18 22.47 15.68 22.91
N LYS B 19 22.67 15.57 24.23
CA LYS B 19 21.79 14.78 25.09
C LYS B 19 21.42 15.63 26.28
N SER B 20 20.24 15.36 26.84
CA SER B 20 19.74 16.13 27.97
C SER B 20 18.80 15.28 28.77
N LYS B 21 18.73 15.53 30.08
CA LYS B 21 17.73 14.84 30.89
C LYS B 21 16.33 15.38 30.56
N GLY B 22 15.33 14.48 30.59
CA GLY B 22 13.94 14.84 30.37
C GLY B 22 13.20 15.15 31.66
N TRP B 23 11.88 14.95 31.63
CA TRP B 23 11.06 15.21 32.81
C TRP B 23 11.06 14.03 33.78
N ARG B 24 11.54 12.87 33.37
CA ARG B 24 11.74 11.77 34.32
C ARG B 24 13.22 11.59 34.63
N PRO B 25 13.57 11.04 35.80
CA PRO B 25 14.98 11.09 36.21
C PRO B 25 15.90 10.30 35.30
N ASP B 26 15.45 9.16 34.78
CA ASP B 26 16.28 8.35 33.91
C ASP B 26 16.00 8.59 32.43
N GLU B 27 15.26 9.64 32.08
CA GLU B 27 14.92 9.88 30.69
C GLU B 27 16.03 10.70 30.02
N ILE B 28 16.42 10.29 28.81
CA ILE B 28 17.38 11.00 27.98
C ILE B 28 16.68 11.46 26.71
N LEU B 29 16.73 12.77 26.44
CA LEU B 29 16.33 13.33 25.16
C LEU B 29 17.56 13.66 24.31
N THR B 30 17.40 13.51 23.02
CA THR B 30 18.44 13.80 22.05
C THR B 30 18.03 14.96 21.15
N GLN B 31 18.96 15.86 20.81
CA GLN B 31 18.61 17.01 19.99
C GLN B 31 18.95 16.70 18.55
N TYR B 32 18.03 16.99 17.64
CA TYR B 32 18.27 16.91 16.21
C TYR B 32 17.34 17.86 15.47
N GLY B 33 17.88 18.63 14.53
CA GLY B 33 17.03 19.43 13.63
C GLY B 33 16.23 20.51 14.36
N GLY B 34 16.77 20.98 15.49
CA GLY B 34 16.22 22.04 16.30
C GLY B 34 15.26 21.53 17.37
N HIS B 35 15.04 20.22 17.45
CA HIS B 35 14.01 19.66 18.30
C HIS B 35 14.60 18.55 19.18
N TRP B 36 13.91 18.27 20.30
CA TRP B 36 14.29 17.19 21.19
C TRP B 36 13.47 15.93 20.88
N TRP B 37 14.09 14.76 21.03
CA TRP B 37 13.50 13.46 20.66
C TRP B 37 13.76 12.44 21.76
N GLN B 38 12.81 11.55 21.99
CA GLN B 38 13.17 10.24 22.53
C GLN B 38 13.93 9.47 21.47
N GLU B 39 14.87 8.65 21.94
CA GLU B 39 15.75 7.95 20.99
C GLU B 39 14.95 7.16 19.98
N CYS B 40 13.92 6.46 20.46
CA CYS B 40 13.17 5.63 19.52
C CYS B 40 12.37 6.46 18.54
N LEU B 41 11.90 7.63 18.96
CA LEU B 41 11.20 8.51 18.00
C LEU B 41 12.15 9.04 16.93
N LEU B 42 13.40 9.36 17.31
CA LEU B 42 14.37 9.85 16.32
C LEU B 42 14.75 8.71 15.36
N GLU B 43 14.83 7.48 15.88
CA GLU B 43 15.02 6.35 14.97
C GLU B 43 13.84 6.22 14.02
N GLY B 44 12.63 6.48 14.54
CA GLY B 44 11.45 6.47 13.71
C GLY B 44 11.49 7.52 12.63
N LEU B 45 12.01 8.72 12.95
CA LEU B 45 12.13 9.76 11.92
C LEU B 45 13.01 9.27 10.79
N PHE B 46 14.19 8.71 11.13
CA PHE B 46 15.14 8.33 10.08
C PHE B 46 14.61 7.13 9.30
N HIS B 47 13.92 6.21 9.99
CA HIS B 47 13.23 5.14 9.30
C HIS B 47 12.24 5.68 8.28
N ALA B 48 11.45 6.69 8.69
CA ALA B 48 10.47 7.24 7.77
C ALA B 48 11.13 8.01 6.63
N LYS B 49 12.18 8.79 6.92
CA LYS B 49 12.88 9.47 5.81
C LYS B 49 13.36 8.48 4.75
N ASP B 50 13.84 7.32 5.20
CA ASP B 50 14.46 6.33 4.31
C ASP B 50 13.45 5.42 3.65
N HIS B 51 12.26 5.22 4.25
CA HIS B 51 11.35 4.16 3.81
C HIS B 51 9.89 4.55 3.65
N PHE B 52 9.40 5.63 4.25
CA PHE B 52 7.97 5.90 4.14
C PHE B 52 7.67 6.51 2.79
N GLU B 53 6.62 6.04 2.12
CA GLU B 53 6.29 6.48 0.76
C GLU B 53 4.91 7.08 0.81
N ALA B 54 4.83 8.37 0.67
CA ALA B 54 3.53 9.02 0.63
C ALA B 54 2.94 8.94 -0.76
N ARG B 55 1.60 8.96 -0.84
CA ARG B 55 0.87 9.07 -2.09
C ARG B 55 0.16 10.42 -2.16
N PRO B 56 -0.04 10.98 -3.39
CA PRO B 56 -0.79 12.23 -3.53
C PRO B 56 -2.18 12.27 -2.90
N THR B 57 -2.81 11.13 -2.71
CA THR B 57 -4.15 11.11 -2.16
C THR B 57 -4.18 10.83 -0.65
N ASP B 58 -3.01 10.68 -0.02
CA ASP B 58 -2.91 10.54 1.44
C ASP B 58 -3.40 11.82 2.13
N PHE B 59 -3.80 11.69 3.39
CA PHE B 59 -4.15 12.87 4.17
C PHE B 59 -3.45 12.76 5.50
N LEU B 60 -2.67 13.79 5.86
CA LEU B 60 -1.72 13.68 6.96
C LEU B 60 -2.16 14.58 8.11
N VAL B 61 -2.42 14.00 9.27
CA VAL B 61 -2.78 14.77 10.46
C VAL B 61 -1.47 15.15 11.19
N CYS B 62 -1.25 16.46 11.39
CA CYS B 62 -0.02 16.97 12.03
C CYS B 62 -0.35 17.75 13.31
N SER B 63 0.47 17.53 14.33
CA SER B 63 0.24 18.23 15.61
C SER B 63 1.46 18.05 16.51
N TYR B 64 1.56 18.96 17.50
CA TYR B 64 2.42 18.69 18.62
C TYR B 64 1.58 17.89 19.64
N PRO B 65 2.14 16.98 20.43
CA PRO B 65 1.30 16.22 21.40
C PRO B 65 0.49 17.10 22.31
N LYS B 66 -0.76 16.62 22.57
CA LYS B 66 -1.73 17.11 23.54
C LYS B 66 -2.41 18.37 23.02
N THR B 67 -2.34 18.63 21.73
CA THR B 67 -3.03 19.78 21.15
C THR B 67 -4.35 19.40 20.43
N GLY B 68 -4.71 18.12 20.37
CA GLY B 68 -5.94 17.76 19.69
C GLY B 68 -5.77 16.62 18.69
N THR B 69 -4.75 15.80 18.88
CA THR B 69 -4.44 14.77 17.91
C THR B 69 -5.56 13.71 17.83
N THR B 70 -5.96 13.15 18.98
CA THR B 70 -6.99 12.13 19.04
C THR B 70 -8.28 12.61 18.36
N TRP B 71 -8.67 13.86 18.67
CA TRP B 71 -9.87 14.42 18.07
C TRP B 71 -9.77 14.38 16.53
N LEU B 72 -8.64 14.84 15.99
CA LEU B 72 -8.49 14.89 14.54
C LEU B 72 -8.45 13.50 13.94
N LYS B 73 -7.81 12.53 14.62
CA LYS B 73 -7.81 11.16 14.11
C LYS B 73 -9.23 10.66 13.99
N ALA B 74 -10.07 10.97 15.00
CA ALA B 74 -11.47 10.55 15.00
C ALA B 74 -12.23 11.21 13.86
N LEU B 75 -12.13 12.54 13.76
CA LEU B 75 -12.85 13.27 12.74
C LEU B 75 -12.49 12.78 11.33
N THR B 76 -11.19 12.71 11.02
CA THR B 76 -10.80 12.33 9.66
C THR B 76 -11.27 10.92 9.35
N TYR B 77 -11.15 10.00 10.31
CA TYR B 77 -11.63 8.65 10.03
C TYR B 77 -13.16 8.61 9.86
N ALA B 78 -13.90 9.29 10.73
CA ALA B 78 -15.36 9.37 10.57
C ALA B 78 -15.75 10.01 9.26
N ILE B 79 -15.06 11.09 8.87
CA ILE B 79 -15.35 11.73 7.58
C ILE B 79 -15.17 10.74 6.42
N VAL B 80 -14.00 10.10 6.33
CA VAL B 80 -13.76 9.14 5.25
C VAL B 80 -14.74 7.95 5.28
N ASN B 81 -15.19 7.53 6.45
CA ASN B 81 -15.83 6.22 6.52
C ASN B 81 -17.33 6.30 6.70
N ARG B 82 -17.92 7.48 6.53
CA ARG B 82 -19.29 7.68 6.94
C ARG B 82 -20.27 6.97 6.02
N SER B 83 -19.89 6.77 4.77
CA SER B 83 -20.77 6.03 3.86
C SER B 83 -20.56 4.53 3.95
N ARG B 84 -19.58 4.07 4.71
CA ARG B 84 -19.17 2.67 4.72
C ARG B 84 -19.88 1.87 5.79
N TYR B 85 -20.49 2.53 6.77
CA TYR B 85 -20.95 1.89 7.99
C TYR B 85 -22.28 2.48 8.40
N ASP B 86 -23.23 1.62 8.75
CA ASP B 86 -24.35 2.03 9.57
C ASP B 86 -23.83 2.68 10.85
N ASP B 87 -24.53 3.73 11.31
CA ASP B 87 -24.10 4.48 12.48
C ASP B 87 -23.75 3.55 13.63
N ALA B 88 -24.64 2.60 13.93
CA ALA B 88 -24.38 1.66 15.01
C ALA B 88 -23.15 0.81 14.74
N ALA B 89 -22.73 0.67 13.48
CA ALA B 89 -21.67 -0.24 13.10
C ALA B 89 -20.35 0.48 12.84
N ASN B 90 -20.24 1.72 13.25
CA ASN B 90 -19.02 2.48 13.03
C ASN B 90 -17.89 1.93 13.90
N PRO B 91 -16.74 1.60 13.32
CA PRO B 91 -15.63 1.08 14.15
C PRO B 91 -15.17 2.05 15.24
N LEU B 92 -15.47 3.34 15.14
CA LEU B 92 -15.02 4.25 16.20
C LEU B 92 -15.75 3.97 17.49
N LEU B 93 -16.92 3.33 17.39
CA LEU B 93 -17.64 2.99 18.60
C LEU B 93 -16.96 1.87 19.36
N LYS B 94 -16.08 1.13 18.72
CA LYS B 94 -15.50 -0.07 19.32
C LYS B 94 -14.02 0.06 19.62
N ARG B 95 -13.35 1.07 19.06
CA ARG B 95 -11.91 1.01 19.18
C ARG B 95 -11.38 2.46 19.25
N ASN B 96 -10.25 2.63 19.92
CA ASN B 96 -9.72 3.98 20.14
C ASN B 96 -9.32 4.59 18.80
N PRO B 97 -9.54 5.90 18.58
CA PRO B 97 -9.24 6.47 17.25
C PRO B 97 -7.78 6.27 16.84
N HIS B 98 -6.84 6.12 17.76
CA HIS B 98 -5.46 5.96 17.30
C HIS B 98 -5.25 4.67 16.52
N GLU B 99 -6.15 3.69 16.68
CA GLU B 99 -6.01 2.44 15.92
C GLU B 99 -6.20 2.65 14.42
N PHE B 100 -6.91 3.71 14.05
CA PHE B 100 -7.29 3.93 12.66
C PHE B 100 -6.41 4.90 11.90
N VAL B 101 -5.53 5.61 12.59
CA VAL B 101 -4.71 6.57 11.87
C VAL B 101 -3.28 6.38 12.35
N PRO B 102 -2.45 5.64 11.63
CA PRO B 102 -1.14 5.31 12.18
C PRO B 102 -0.18 6.48 12.07
N TYR B 103 0.70 6.54 13.06
CA TYR B 103 1.79 7.50 13.09
C TYR B 103 2.92 7.06 12.18
N VAL B 104 3.38 8.01 11.34
CA VAL B 104 4.52 7.78 10.49
C VAL B 104 5.76 7.36 11.30
N GLU B 105 6.06 8.05 12.41
CA GLU B 105 7.33 7.79 13.10
C GLU B 105 7.20 6.77 14.20
N ILE B 106 5.98 6.24 14.45
CA ILE B 106 5.81 5.25 15.50
C ILE B 106 5.27 3.92 14.94
N ASP B 107 4.02 3.93 14.48
CA ASP B 107 3.41 2.70 13.95
C ASP B 107 4.17 2.16 12.75
N PHE B 108 4.42 3.03 11.76
CA PHE B 108 5.18 2.58 10.59
C PHE B 108 6.59 2.09 10.98
N ALA B 109 7.17 2.62 12.04
CA ALA B 109 8.51 2.17 12.41
C ALA B 109 8.45 0.91 13.25
N PHE B 110 7.79 0.98 14.43
CA PHE B 110 7.83 -0.10 15.40
C PHE B 110 6.76 -1.17 15.15
N TYR B 111 5.71 -0.88 14.40
CA TYR B 111 4.60 -1.83 14.31
C TYR B 111 4.06 -1.92 12.89
N PRO B 112 4.91 -2.14 11.87
CA PRO B 112 4.44 -1.98 10.49
C PRO B 112 3.46 -3.07 10.08
N THR B 113 3.30 -4.13 10.86
CA THR B 113 2.36 -5.16 10.42
C THR B 113 0.94 -4.97 10.91
N VAL B 114 0.63 -3.86 11.60
CA VAL B 114 -0.77 -3.70 12.02
C VAL B 114 -1.64 -3.64 10.77
N ASP B 115 -2.90 -4.06 10.91
CA ASP B 115 -3.85 -4.12 9.78
C ASP B 115 -3.91 -2.82 8.98
N VAL B 116 -4.05 -1.68 9.66
CA VAL B 116 -4.28 -0.46 8.90
C VAL B 116 -3.07 -0.14 8.03
N LEU B 117 -1.86 -0.53 8.47
CA LEU B 117 -0.72 -0.21 7.62
C LEU B 117 -0.63 -1.16 6.42
N GLN B 118 -1.20 -2.37 6.56
CA GLN B 118 -1.27 -3.35 5.50
C GLN B 118 -2.50 -3.15 4.61
N ASP B 119 -3.22 -2.03 4.76
CA ASP B 119 -4.43 -1.73 3.99
C ASP B 119 -4.10 -0.76 2.86
N ARG B 120 -4.10 -1.24 1.62
CA ARG B 120 -3.76 -0.35 0.50
C ARG B 120 -4.81 0.73 0.24
N LYS B 121 -6.04 0.57 0.78
CA LYS B 121 -7.08 1.59 0.70
C LYS B 121 -6.79 2.79 1.59
N ASN B 122 -6.02 2.60 2.64
CA ASN B 122 -6.03 3.60 3.73
C ASN B 122 -5.33 4.87 3.27
N PRO B 123 -5.95 6.05 3.37
CA PRO B 123 -5.21 7.28 3.09
C PRO B 123 -4.72 8.09 4.32
N LEU B 124 -5.15 7.73 5.54
CA LEU B 124 -5.00 8.59 6.72
C LEU B 124 -3.71 8.21 7.42
N PHE B 125 -2.87 9.22 7.70
CA PHE B 125 -1.65 9.07 8.48
C PHE B 125 -1.56 10.24 9.46
N SER B 126 -0.73 10.09 10.46
CA SER B 126 -0.51 11.24 11.38
C SER B 126 0.97 11.35 11.73
N THR B 127 1.36 12.53 12.21
CA THR B 127 2.73 12.66 12.66
C THR B 127 2.82 13.82 13.65
N HIS B 128 3.82 13.73 14.55
CA HIS B 128 4.31 14.86 15.33
C HIS B 128 5.63 15.43 14.80
N ILE B 129 6.13 14.91 13.66
CA ILE B 129 7.40 15.38 13.12
C ILE B 129 7.32 16.88 12.80
N PRO B 130 8.28 17.70 13.23
CA PRO B 130 8.25 19.13 12.86
C PRO B 130 8.28 19.31 11.34
N ASN B 131 7.62 20.38 10.87
CA ASN B 131 7.42 20.58 9.43
C ASN B 131 8.72 20.48 8.63
N GLY B 132 9.77 21.16 9.09
CA GLY B 132 11.03 21.17 8.34
C GLY B 132 11.80 19.83 8.33
N LEU B 133 11.38 18.85 9.10
CA LEU B 133 11.97 17.50 9.11
C LEU B 133 11.09 16.45 8.42
N LEU B 134 9.98 16.83 7.79
CA LEU B 134 9.13 15.81 7.20
C LEU B 134 9.85 15.08 6.07
N PRO B 135 9.65 13.78 5.90
CA PRO B 135 10.31 13.03 4.82
C PRO B 135 10.04 13.63 3.44
N ASP B 136 11.07 13.60 2.57
CA ASP B 136 10.90 14.10 1.19
C ASP B 136 9.67 13.52 0.53
N SER B 137 9.41 12.24 0.74
CA SER B 137 8.28 11.64 0.07
C SER B 137 6.99 12.35 0.43
N ILE B 138 6.85 12.80 1.68
CA ILE B 138 5.62 13.48 2.04
C ILE B 138 5.61 14.86 1.41
N VAL B 139 6.75 15.56 1.50
CA VAL B 139 6.82 16.91 0.90
C VAL B 139 6.51 16.87 -0.60
N ASN B 140 7.13 15.94 -1.33
CA ASN B 140 6.99 15.89 -2.79
C ASN B 140 5.68 15.24 -3.25
N SER B 141 5.01 14.53 -2.37
CA SER B 141 3.77 13.87 -2.74
C SER B 141 2.68 14.86 -3.08
N GLY B 142 2.76 16.07 -2.54
CA GLY B 142 1.67 17.01 -2.57
C GLY B 142 0.48 16.70 -1.68
N CYS B 143 0.51 15.64 -0.87
CA CYS B 143 -0.66 15.27 -0.08
C CYS B 143 -1.07 16.42 0.83
N LYS B 144 -2.37 16.56 1.01
CA LYS B 144 -2.90 17.60 1.89
C LYS B 144 -2.63 17.23 3.36
N MET B 145 -2.63 18.26 4.20
CA MET B 145 -2.40 18.11 5.63
C MET B 145 -3.25 19.09 6.45
N VAL B 146 -3.53 18.66 7.68
CA VAL B 146 -4.12 19.52 8.69
C VAL B 146 -3.14 19.59 9.87
N TYR B 147 -3.01 20.78 10.42
CA TYR B 147 -2.21 21.05 11.61
C TYR B 147 -3.14 21.66 12.65
N ILE B 148 -2.99 21.24 13.89
CA ILE B 148 -3.75 21.89 14.97
C ILE B 148 -2.76 22.29 16.06
N TRP B 149 -3.04 23.42 16.71
CA TRP B 149 -2.26 23.87 17.86
C TRP B 149 -3.24 24.35 18.93
N ARG B 150 -2.70 24.59 20.10
CA ARG B 150 -3.49 24.82 21.31
C ARG B 150 -2.71 25.80 22.18
N ASP B 151 -3.42 26.52 23.05
CA ASP B 151 -2.75 27.38 24.04
C ASP B 151 -1.66 26.62 24.77
N PRO B 152 -0.42 27.13 24.79
CA PRO B 152 0.69 26.35 25.42
C PRO B 152 0.42 26.09 26.89
N LYS B 153 -0.32 26.97 27.58
CA LYS B 153 -0.63 26.68 28.99
C LYS B 153 -1.46 25.41 29.13
N ASP B 154 -2.54 25.25 28.33
CA ASP B 154 -3.31 24.00 28.40
C ASP B 154 -2.55 22.80 27.83
N THR B 155 -1.76 23.01 26.77
CA THR B 155 -0.94 21.94 26.18
C THR B 155 0.00 21.37 27.20
N PHE B 156 0.66 22.25 27.96
CA PHE B 156 1.56 21.83 29.03
C PHE B 156 0.81 21.03 30.07
N ILE B 157 -0.28 21.59 30.59
CA ILE B 157 -0.99 20.89 31.65
C ILE B 157 -1.51 19.56 31.11
N SER B 158 -1.99 19.55 29.86
CA SER B 158 -2.46 18.27 29.30
C SER B 158 -1.35 17.23 29.27
N MET B 159 -0.12 17.66 28.91
CA MET B 159 0.98 16.73 28.84
C MET B 159 1.37 16.26 30.24
N TRP B 160 1.56 17.20 31.18
CA TRP B 160 2.07 16.81 32.52
C TRP B 160 1.11 15.83 33.18
N THR B 161 -0.19 16.09 33.08
CA THR B 161 -1.14 15.17 33.71
C THR B 161 -1.16 13.81 33.00
N PHE B 162 -1.04 13.80 31.68
CA PHE B 162 -1.00 12.57 30.89
C PHE B 162 0.19 11.69 31.27
N LEU B 163 1.34 12.30 31.51
CA LEU B 163 2.54 11.54 31.83
C LEU B 163 2.46 10.78 33.14
N HIS B 164 1.60 11.22 34.08
CA HIS B 164 1.31 10.45 35.27
C HIS B 164 0.73 9.07 34.95
N LYS B 165 0.13 8.92 33.78
CA LYS B 165 -0.58 7.71 33.44
C LYS B 165 0.25 6.72 32.62
N GLU B 166 1.51 7.06 32.29
CA GLU B 166 2.34 6.18 31.45
C GLU B 166 2.72 4.92 32.21
N LYS B 167 2.48 3.77 31.60
CA LYS B 167 2.66 2.50 32.29
C LYS B 167 4.12 2.26 32.63
N SER B 168 4.35 1.80 33.86
CA SER B 168 5.67 1.40 34.38
C SER B 168 6.59 2.60 34.55
N GLN B 169 6.09 3.63 35.27
CA GLN B 169 6.85 4.85 35.61
C GLN B 169 6.15 5.70 36.65
N GLU B 170 5.40 5.07 37.56
CA GLU B 170 4.61 5.78 38.55
C GLU B 170 5.50 6.32 39.67
N GLY B 171 5.76 7.63 39.66
CA GLY B 171 6.52 8.32 40.71
C GLY B 171 7.69 9.17 40.21
N GLN B 172 8.12 8.87 38.99
CA GLN B 172 9.37 9.40 38.45
C GLN B 172 9.24 10.85 37.98
N LEU B 173 8.04 11.25 37.57
CA LEU B 173 7.83 12.52 36.88
C LEU B 173 8.25 13.72 37.73
N ALA B 174 8.89 14.70 37.08
CA ALA B 174 9.31 15.92 37.79
C ALA B 174 8.09 16.70 38.30
N SER B 175 8.33 17.61 39.23
CA SER B 175 7.24 18.42 39.77
C SER B 175 6.64 19.31 38.68
N LEU B 176 5.42 19.78 38.95
CA LEU B 176 4.72 20.69 38.05
C LEU B 176 5.60 21.88 37.72
N GLU B 177 6.20 22.51 38.75
CA GLU B 177 7.01 23.70 38.49
C GLU B 177 8.28 23.36 37.71
N ASP B 178 8.96 22.25 38.05
CA ASP B 178 10.19 21.95 37.30
C ASP B 178 9.85 21.54 35.89
N SER B 179 8.73 20.86 35.71
CA SER B 179 8.37 20.46 34.37
C SER B 179 7.99 21.70 33.57
N PHE B 180 7.31 22.64 34.20
CA PHE B 180 6.91 23.85 33.47
C PHE B 180 8.15 24.65 33.05
N ASP B 181 9.13 24.75 33.96
CA ASP B 181 10.39 25.41 33.61
C ASP B 181 11.03 24.73 32.39
N MET B 182 11.11 23.39 32.39
CA MET B 182 11.65 22.70 31.20
C MET B 182 10.83 22.98 29.94
N PHE B 183 9.51 22.92 30.05
CA PHE B 183 8.63 23.23 28.91
C PHE B 183 8.91 24.61 28.36
N CYS B 184 9.04 25.61 29.25
CA CYS B 184 9.31 26.96 28.76
C CYS B 184 10.70 27.09 28.14
N LYS B 185 11.69 26.31 28.59
CA LYS B 185 13.01 26.30 27.96
C LYS B 185 13.01 25.52 26.64
N GLY B 186 11.87 24.94 26.24
CA GLY B 186 11.81 24.18 25.00
C GLY B 186 12.20 22.74 25.15
N LEU B 187 12.45 22.28 26.37
CA LEU B 187 12.89 20.90 26.61
C LEU B 187 11.67 20.00 26.88
N SER B 188 11.16 19.42 25.80
CA SER B 188 9.97 18.55 25.85
C SER B 188 10.05 17.71 24.58
N VAL B 189 9.41 16.55 24.58
CA VAL B 189 9.56 15.68 23.40
C VAL B 189 8.86 16.33 22.21
N TYR B 190 9.53 16.34 21.04
CA TYR B 190 9.23 17.10 19.85
C TYR B 190 9.30 18.64 20.04
N GLY B 191 9.64 19.11 21.22
CA GLY B 191 9.76 20.54 21.46
C GLY B 191 11.05 21.11 20.89
N PRO B 192 11.20 22.46 20.94
CA PRO B 192 10.34 23.43 21.63
C PRO B 192 8.91 23.50 20.97
N TYR B 193 7.89 23.55 21.83
CA TYR B 193 6.53 23.56 21.30
C TYR B 193 6.29 24.78 20.43
N LEU B 194 6.75 25.95 20.87
CA LEU B 194 6.44 27.14 20.03
C LEU B 194 7.15 27.06 18.69
N ASP B 195 8.36 26.49 18.65
CA ASP B 195 9.04 26.34 17.34
C ASP B 195 8.28 25.36 16.41
N HIS B 196 7.73 24.29 16.99
CA HIS B 196 6.91 23.33 16.23
C HIS B 196 5.74 24.04 15.53
N VAL B 197 4.99 24.86 16.29
CA VAL B 197 3.83 25.58 15.76
C VAL B 197 4.27 26.55 14.68
N LEU B 198 5.35 27.30 14.97
CA LEU B 198 5.82 28.31 14.01
C LEU B 198 6.22 27.66 12.69
N GLY B 199 6.85 26.50 12.74
CA GLY B 199 7.24 25.86 11.48
C GLY B 199 6.05 25.49 10.61
N TYR B 200 4.97 24.99 11.24
CA TYR B 200 3.79 24.69 10.42
C TYR B 200 3.07 25.97 10.01
N TRP B 201 3.08 27.00 10.87
CA TRP B 201 2.46 28.25 10.48
C TRP B 201 3.11 28.81 9.22
N LYS B 202 4.44 28.86 9.20
CA LYS B 202 5.13 29.41 8.04
C LYS B 202 4.94 28.53 6.81
N ALA B 203 4.85 27.21 7.00
CA ALA B 203 4.53 26.31 5.89
C ALA B 203 3.12 26.60 5.35
N TYR B 204 2.15 26.75 6.26
CA TYR B 204 0.81 27.13 5.84
C TYR B 204 0.82 28.43 5.06
N GLN B 205 1.59 29.42 5.52
CA GLN B 205 1.65 30.69 4.81
C GLN B 205 2.18 30.51 3.38
N GLU B 206 3.23 29.71 3.20
CA GLU B 206 3.81 29.51 1.86
C GLU B 206 2.94 28.64 0.99
N ASN B 207 2.03 27.85 1.55
CA ASN B 207 1.23 26.91 0.79
C ASN B 207 -0.17 26.78 1.38
N PRO B 208 -1.02 27.81 1.27
CA PRO B 208 -2.31 27.74 1.97
C PRO B 208 -3.33 26.81 1.34
N ASP B 209 -3.08 26.30 0.15
CA ASP B 209 -3.98 25.30 -0.38
C ASP B 209 -3.63 23.89 0.10
N ARG B 210 -2.46 23.70 0.69
CA ARG B 210 -2.04 22.37 1.08
C ARG B 210 -2.32 22.05 2.55
N ILE B 211 -2.38 23.06 3.42
CA ILE B 211 -2.41 22.89 4.88
C ILE B 211 -3.67 23.56 5.41
N LEU B 212 -4.47 22.83 6.17
CA LEU B 212 -5.55 23.44 6.94
C LEU B 212 -5.02 23.66 8.36
N PHE B 213 -5.02 24.92 8.82
CA PHE B 213 -4.37 25.32 10.05
C PHE B 213 -5.46 25.58 11.08
N LEU B 214 -5.60 24.69 12.04
CA LEU B 214 -6.71 24.74 13.00
C LEU B 214 -6.21 25.10 14.38
N ARG B 215 -7.15 25.60 15.22
CA ARG B 215 -6.83 26.01 16.58
C ARG B 215 -7.79 25.28 17.51
N TYR B 216 -7.26 24.55 18.48
CA TYR B 216 -8.09 23.73 19.37
C TYR B 216 -9.26 24.54 19.95
N GLU B 217 -8.96 25.70 20.52
CA GLU B 217 -9.94 26.42 21.31
C GLU B 217 -11.07 26.92 20.43
N THR B 218 -10.74 27.34 19.21
CA THR B 218 -11.75 27.85 18.27
C THR B 218 -12.67 26.74 17.85
N MET B 219 -12.10 25.59 17.54
CA MET B 219 -12.90 24.45 17.14
C MET B 219 -13.74 23.92 18.27
N ARG B 220 -13.17 23.85 19.47
CA ARG B 220 -13.95 23.37 20.61
C ARG B 220 -15.18 24.26 20.82
N ALA B 221 -15.02 25.57 20.69
CA ALA B 221 -16.09 26.53 20.97
C ALA B 221 -17.23 26.47 19.95
N ASN B 222 -17.01 25.88 18.80
CA ASN B 222 -17.95 25.84 17.68
C ASN B 222 -17.47 24.88 16.59
N PRO B 223 -17.63 23.57 16.79
CA PRO B 223 -17.00 22.59 15.89
C PRO B 223 -17.62 22.41 14.50
N LEU B 224 -18.95 22.54 14.35
CA LEU B 224 -19.59 22.27 13.05
C LEU B 224 -18.94 22.95 11.83
N PRO B 225 -18.74 24.29 11.76
CA PRO B 225 -18.15 24.87 10.54
C PRO B 225 -16.79 24.28 10.21
N PHE B 226 -15.97 23.96 11.23
CA PHE B 226 -14.66 23.41 10.98
C PHE B 226 -14.75 21.99 10.48
N VAL B 227 -15.70 21.21 11.00
CA VAL B 227 -15.79 19.86 10.52
C VAL B 227 -16.23 19.84 9.07
N LYS B 228 -17.11 20.77 8.67
CA LYS B 228 -17.54 20.85 7.27
C LYS B 228 -16.38 21.29 6.38
N ARG B 229 -15.55 22.25 6.85
CA ARG B 229 -14.38 22.67 6.09
C ARG B 229 -13.37 21.55 5.97
N LEU B 230 -13.09 20.87 7.08
CA LEU B 230 -12.15 19.75 7.03
C LEU B 230 -12.58 18.71 6.01
N ALA B 231 -13.86 18.29 6.03
CA ALA B 231 -14.35 17.29 5.07
C ALA B 231 -14.21 17.80 3.64
N GLU B 232 -14.59 19.07 3.41
CA GLU B 232 -14.34 19.74 2.12
C GLU B 232 -12.87 19.68 1.74
N PHE B 233 -11.98 20.16 2.64
CA PHE B 233 -10.54 20.21 2.38
C PHE B 233 -9.98 18.84 2.06
N MET B 234 -10.50 17.81 2.70
CA MET B 234 -10.02 16.44 2.50
C MET B 234 -10.47 15.87 1.14
N GLY B 235 -11.49 16.47 0.52
CA GLY B 235 -12.11 15.88 -0.65
C GLY B 235 -13.20 14.87 -0.36
N TYR B 236 -13.81 14.94 0.82
CA TYR B 236 -14.97 14.14 1.16
C TYR B 236 -16.07 15.06 1.67
N GLY B 237 -16.22 16.21 1.02
CA GLY B 237 -17.17 17.21 1.48
C GLY B 237 -18.59 16.67 1.56
N PHE B 238 -19.37 17.29 2.44
CA PHE B 238 -20.73 16.84 2.70
C PHE B 238 -21.65 17.31 1.57
N THR B 239 -22.36 16.38 0.95
CA THR B 239 -23.29 16.72 -0.14
C THR B 239 -24.41 17.64 0.36
N ASP B 240 -25.17 18.19 -0.59
CA ASP B 240 -26.34 18.98 -0.19
C ASP B 240 -27.38 18.09 0.49
N GLU B 241 -27.53 16.87 0.00
CA GLU B 241 -28.38 15.88 0.66
C GLU B 241 -27.93 15.65 2.10
N GLU B 242 -26.61 15.59 2.34
CA GLU B 242 -26.12 15.35 3.70
C GLU B 242 -26.38 16.53 4.63
N GLU B 243 -26.30 17.76 4.11
CA GLU B 243 -26.50 18.94 4.95
C GLU B 243 -27.93 19.09 5.44
N GLU B 244 -28.93 18.72 4.62
CA GLU B 244 -30.30 18.76 5.11
C GLU B 244 -30.68 17.50 5.89
N ASN B 245 -29.92 16.42 5.74
CA ASN B 245 -30.06 15.21 6.55
C ASN B 245 -29.17 15.24 7.80
N GLY B 246 -28.60 16.39 8.14
CA GLY B 246 -27.80 16.54 9.36
C GLY B 246 -26.65 15.56 9.51
N VAL B 247 -25.99 15.18 8.41
CA VAL B 247 -24.94 14.18 8.53
C VAL B 247 -23.69 14.78 9.19
N ALA B 248 -23.44 16.08 8.97
CA ALA B 248 -22.29 16.75 9.55
C ALA B 248 -22.40 16.83 11.08
N GLU B 249 -23.60 17.19 11.56
CA GLU B 249 -23.87 17.21 12.99
C GLU B 249 -23.66 15.83 13.61
N LYS B 250 -24.01 14.76 12.88
CA LYS B 250 -23.71 13.40 13.35
C LYS B 250 -22.19 13.16 13.47
N VAL B 251 -21.41 13.62 12.49
CA VAL B 251 -19.97 13.41 12.59
C VAL B 251 -19.40 14.12 13.82
N VAL B 252 -19.74 15.40 13.99
CA VAL B 252 -19.29 16.16 15.15
C VAL B 252 -19.63 15.43 16.46
N LYS B 253 -20.84 14.89 16.54
CA LYS B 253 -21.26 14.30 17.80
C LYS B 253 -20.53 12.99 18.06
N LEU B 254 -20.37 12.13 17.03
CA LEU B 254 -19.65 10.87 17.23
C LEU B 254 -18.21 11.13 17.70
N CYS B 255 -17.59 12.17 17.15
CA CYS B 255 -16.19 12.42 17.47
C CYS B 255 -16.03 13.37 18.65
N SER B 256 -17.11 13.69 19.38
CA SER B 256 -16.98 14.70 20.43
C SER B 256 -16.28 14.10 21.63
N PHE B 257 -15.69 14.96 22.46
CA PHE B 257 -15.04 14.44 23.66
C PHE B 257 -16.04 13.63 24.50
N GLU B 258 -17.24 14.18 24.66
CA GLU B 258 -18.31 13.56 25.44
C GLU B 258 -18.65 12.15 24.94
N THR B 259 -18.81 11.96 23.63
CA THR B 259 -19.08 10.62 23.13
C THR B 259 -17.87 9.70 23.34
N LEU B 260 -16.67 10.12 22.90
CA LEU B 260 -15.56 9.14 22.91
C LEU B 260 -15.14 8.79 24.32
N LYS B 261 -15.14 9.79 25.22
CA LYS B 261 -14.78 9.54 26.62
C LYS B 261 -15.69 8.50 27.25
N ASN B 262 -16.94 8.46 26.84
CA ASN B 262 -17.91 7.60 27.52
C ASN B 262 -18.06 6.22 26.89
N LEU B 263 -17.34 5.93 25.80
CA LEU B 263 -17.42 4.62 25.18
C LEU B 263 -16.71 3.57 26.04
N GLU B 264 -17.25 2.35 26.05
CA GLU B 264 -16.62 1.27 26.80
C GLU B 264 -15.20 1.01 26.31
N ALA B 265 -14.95 1.14 25.01
CA ALA B 265 -13.62 0.86 24.50
C ALA B 265 -12.57 1.81 25.06
N ASN B 266 -12.99 2.89 25.70
CA ASN B 266 -12.09 3.93 26.18
C ASN B 266 -12.15 4.12 27.69
N LYS B 267 -12.76 3.22 28.44
CA LYS B 267 -12.87 3.50 29.86
C LYS B 267 -12.00 2.58 30.69
N GLY B 268 -11.65 3.06 31.86
CA GLY B 268 -10.88 2.25 32.78
C GLY B 268 -9.50 2.00 32.23
N ASP B 269 -9.01 0.76 32.35
CA ASP B 269 -7.64 0.47 31.94
C ASP B 269 -7.54 -0.28 30.63
N LYS B 270 -8.63 -0.36 29.87
CA LYS B 270 -8.63 -0.96 28.54
C LYS B 270 -7.55 -0.35 27.65
N GLU B 271 -6.84 -1.19 26.92
CA GLU B 271 -5.80 -0.70 26.02
C GLU B 271 -6.21 -0.99 24.60
N ARG B 272 -5.55 -0.33 23.66
CA ARG B 272 -5.77 -0.61 22.24
C ARG B 272 -5.40 -2.07 21.95
N GLU B 273 -6.08 -2.63 20.96
CA GLU B 273 -5.92 -4.03 20.60
C GLU B 273 -5.12 -4.27 19.32
N ASP B 274 -4.52 -3.25 18.74
CA ASP B 274 -3.73 -3.50 17.53
C ASP B 274 -2.26 -3.76 17.80
N ARG B 275 -1.64 -3.04 18.73
CA ARG B 275 -0.23 -3.22 19.00
C ARG B 275 0.04 -2.74 20.42
N PRO B 276 1.23 -3.03 20.98
CA PRO B 276 1.48 -2.72 22.40
C PRO B 276 1.28 -1.24 22.71
N ALA B 277 0.80 -0.96 23.93
CA ALA B 277 0.54 0.41 24.38
C ALA B 277 1.23 0.64 25.72
N VAL B 278 1.66 1.89 25.95
CA VAL B 278 2.14 2.31 27.27
C VAL B 278 1.13 3.20 27.99
N TYR B 279 -0.04 3.44 27.39
CA TYR B 279 -1.17 4.16 27.97
C TYR B 279 -2.47 3.39 27.77
N ALA B 280 -3.33 3.43 28.78
CA ALA B 280 -4.72 3.05 28.57
C ALA B 280 -5.42 4.06 27.68
N ASN B 281 -6.40 3.58 26.94
CA ASN B 281 -7.20 4.42 26.06
C ASN B 281 -7.79 5.62 26.81
N SER B 282 -8.30 5.40 28.03
CA SER B 282 -8.89 6.49 28.82
C SER B 282 -7.93 7.65 29.08
N ALA B 283 -6.60 7.44 28.99
CA ALA B 283 -5.67 8.54 29.27
C ALA B 283 -5.71 9.63 28.19
N TYR B 284 -6.27 9.33 27.01
CA TYR B 284 -6.43 10.29 25.92
C TYR B 284 -7.61 11.19 26.14
N PHE B 285 -8.47 10.87 27.13
CA PHE B 285 -9.68 11.65 27.39
C PHE B 285 -9.67 12.09 28.84
N ARG B 286 -9.17 13.30 29.08
CA ARG B 286 -9.01 13.79 30.43
C ARG B 286 -10.18 14.72 30.78
N LYS B 287 -10.06 16.01 30.46
CA LYS B 287 -11.16 16.94 30.72
C LYS B 287 -11.71 17.59 29.46
N GLY B 288 -10.89 17.79 28.45
CA GLY B 288 -11.39 18.37 27.22
C GLY B 288 -11.90 19.79 27.33
N LYS B 289 -11.39 20.57 28.29
CA LYS B 289 -11.83 21.93 28.45
C LYS B 289 -10.81 22.90 27.84
N VAL B 290 -11.21 24.17 27.81
CA VAL B 290 -10.31 25.26 27.51
C VAL B 290 -10.14 26.02 28.82
N GLY B 291 -8.90 26.23 29.23
CA GLY B 291 -8.63 27.02 30.40
C GLY B 291 -8.37 26.24 31.68
N ASP B 292 -8.25 24.91 31.61
CA ASP B 292 -7.92 24.14 32.82
C ASP B 292 -6.59 24.55 33.41
N TRP B 293 -5.71 25.15 32.62
CA TRP B 293 -4.43 25.65 33.16
C TRP B 293 -4.66 26.55 34.38
N ALA B 294 -5.79 27.27 34.39
CA ALA B 294 -6.15 28.23 35.44
C ALA B 294 -6.16 27.58 36.84
N ASN B 295 -6.29 26.28 36.91
CA ASN B 295 -6.29 25.55 38.16
C ASN B 295 -4.93 25.06 38.57
N TYR B 296 -3.89 25.32 37.78
CA TYR B 296 -2.53 24.86 38.05
C TYR B 296 -1.49 25.95 38.10
N LEU B 297 -1.58 26.94 37.22
CA LEU B 297 -0.51 27.89 37.03
C LEU B 297 -0.82 29.16 37.81
N THR B 298 0.24 29.79 38.33
CA THR B 298 0.18 31.13 38.92
C THR B 298 0.18 32.24 37.86
N PRO B 299 -0.19 33.48 38.24
CA PRO B 299 -0.06 34.58 37.26
C PRO B 299 1.37 34.79 36.80
N GLU B 300 2.34 34.54 37.68
CA GLU B 300 3.75 34.65 37.31
C GLU B 300 4.12 33.62 36.24
N MET B 301 3.63 32.38 36.41
CA MET B 301 3.94 31.33 35.44
C MET B 301 3.26 31.62 34.09
N ALA B 302 1.99 32.06 34.14
CA ALA B 302 1.25 32.43 32.92
C ALA B 302 1.96 33.55 32.19
N ALA B 303 2.46 34.54 32.94
CA ALA B 303 3.11 35.68 32.30
C ALA B 303 4.39 35.23 31.59
N ARG B 304 5.13 34.29 32.17
CA ARG B 304 6.36 33.83 31.53
C ARG B 304 6.11 33.15 30.20
N ILE B 305 5.19 32.17 30.15
CA ILE B 305 4.90 31.48 28.89
C ILE B 305 4.19 32.44 27.94
N ASP B 306 3.33 33.32 28.45
CA ASP B 306 2.64 34.18 27.48
C ASP B 306 3.64 35.20 26.86
N GLY B 307 4.64 35.63 27.64
CA GLY B 307 5.66 36.49 27.08
C GLY B 307 6.49 35.79 26.02
N LEU B 308 6.80 34.51 26.23
CA LEU B 308 7.48 33.71 25.20
C LEU B 308 6.64 33.62 23.93
N VAL B 309 5.32 33.44 24.06
CA VAL B 309 4.45 33.38 22.90
C VAL B 309 4.49 34.68 22.12
N GLU B 310 4.39 35.80 22.85
CA GLU B 310 4.39 37.10 22.20
C GLU B 310 5.71 37.34 21.49
N GLU B 311 6.80 36.99 22.13
CA GLU B 311 8.12 37.12 21.50
C GLU B 311 8.27 36.23 20.27
N LYS B 312 7.84 34.97 20.38
CA LYS B 312 7.98 34.07 19.24
C LYS B 312 7.12 34.49 18.05
N PHE B 313 5.88 34.94 18.26
CA PHE B 313 4.96 35.10 17.13
C PHE B 313 4.79 36.54 16.70
N LYS B 314 5.52 37.47 17.34
CA LYS B 314 5.58 38.86 16.91
C LYS B 314 5.79 38.96 15.40
N ASP B 315 4.96 39.76 14.76
CA ASP B 315 5.06 40.03 13.33
C ASP B 315 4.87 38.79 12.47
N THR B 316 4.28 37.72 12.99
CA THR B 316 4.02 36.59 12.09
C THR B 316 2.58 36.54 11.61
N GLY B 317 1.67 37.30 12.24
CA GLY B 317 0.25 37.13 11.96
C GLY B 317 -0.40 35.90 12.57
N LEU B 318 0.37 35.01 13.23
CA LEU B 318 -0.24 33.81 13.77
C LEU B 318 -1.36 34.15 14.76
N LEU B 319 -1.08 34.98 15.74
CA LEU B 319 -2.06 35.24 16.81
C LEU B 319 -3.31 35.98 16.32
N GLN B 320 -3.24 36.64 15.17
CA GLN B 320 -4.38 37.35 14.59
C GLN B 320 -5.14 36.51 13.58
N HIS B 321 -4.67 35.30 13.30
CA HIS B 321 -5.32 34.48 12.28
C HIS B 321 -6.67 34.04 12.79
N ASP B 322 -7.73 34.26 11.99
CA ASP B 322 -9.08 33.88 12.35
C ASP B 322 -9.36 32.40 12.02
P1 A3P C . 8.83 -20.54 -25.35
O1P A3P C . 10.35 -20.12 -25.57
O2P A3P C . 7.98 -20.88 -26.56
O3P A3P C . 8.85 -21.70 -24.25
P2 A3P C . 5.41 -16.90 -19.51
O4P A3P C . 5.75 -18.15 -18.59
O5P A3P C . 3.86 -16.61 -19.61
O6P A3P C . 6.33 -15.71 -19.21
O5' A3P C . 5.67 -17.37 -21.07
C5' A3P C . 6.99 -17.90 -21.29
C4' A3P C . 7.21 -17.94 -22.80
O4' A3P C . 7.54 -16.58 -23.24
C3' A3P C . 8.38 -18.82 -23.29
O3' A3P C . 8.10 -19.25 -24.66
C2' A3P C . 9.56 -17.83 -23.19
O2' A3P C . 10.77 -18.24 -23.85
C1' A3P C . 8.88 -16.60 -23.80
N9 A3P C . 9.54 -15.32 -23.49
C8 A3P C . 10.12 -15.01 -22.29
N7 A3P C . 10.62 -13.79 -22.24
C5 A3P C . 10.24 -13.23 -23.45
C6 A3P C . 10.43 -11.93 -24.00
N6 A3P C . 11.08 -10.96 -23.35
N1 A3P C . 9.95 -11.70 -25.25
C2 A3P C . 9.30 -12.69 -25.88
N3 A3P C . 9.08 -13.95 -25.47
C4 A3P C . 9.57 -14.15 -24.24
C1 GOL D . -1.40 -29.65 -15.54
O1 GOL D . -0.71 -30.44 -14.48
C2 GOL D . -0.40 -28.70 -16.30
O2 GOL D . -0.73 -27.25 -16.33
C3 GOL D . 0.90 -29.09 -15.59
O3 GOL D . 0.91 -28.59 -14.31
CAC FLC E . 2.73 -19.90 -11.54
CA FLC E . 2.88 -18.80 -12.55
CB FLC E . 3.95 -19.14 -13.56
CBC FLC E . 5.30 -18.62 -13.08
CG FLC E . 3.40 -18.33 -14.71
CGC FLC E . 4.03 -18.51 -16.01
OA1 FLC E . 3.85 -20.07 -10.83
OA2 FLC E . 1.67 -20.54 -11.41
OB1 FLC E . 6.17 -19.35 -12.61
OB2 FLC E . 5.38 -17.32 -13.20
OG1 FLC E . 5.19 -19.15 -16.01
OG2 FLC E . 3.50 -18.01 -16.95
OHB FLC E . 4.10 -20.48 -14.02
P1 A3P F . -6.94 17.58 28.26
O1P A3P F . -5.73 16.91 28.86
O2P A3P F . -6.81 19.16 28.52
O3P A3P F . -8.31 16.94 28.77
P2 A3P F . -3.82 14.57 22.06
O4P A3P F . -2.86 13.69 22.90
O5P A3P F . -3.07 15.44 20.98
O6P A3P F . -4.93 13.74 21.46
O5' A3P F . -4.51 15.70 22.99
C5' A3P F . -5.26 15.17 24.12
C4' A3P F . -6.13 16.31 24.62
O4' A3P F . -7.33 16.45 23.80
C3' A3P F . -6.62 16.12 26.05
O3' A3P F . -6.88 17.44 26.62
C2' A3P F . -7.93 15.35 25.81
O2' A3P F . -8.82 15.31 26.95
C1' A3P F . -8.47 16.15 24.61
N9 A3P F . -9.45 15.46 23.77
C8 A3P F . -9.44 14.13 23.43
N7 A3P F . -10.39 13.79 22.59
C5 A3P F . -11.03 14.99 22.31
C6 A3P F . -12.14 15.30 21.49
N6 A3P F . -12.80 14.39 20.74
N1 A3P F . -12.55 16.59 21.45
C2 A3P F . -11.86 17.49 22.16
N3 A3P F . -10.81 17.32 22.97
C4 A3P F . -10.45 16.03 23.01
C1 IPA G . 17.37 18.94 8.09
C2 IPA G . 18.41 19.62 8.98
C3 IPA G . 17.91 20.67 9.98
O2 IPA G . 18.97 18.63 9.81
C1 GOL H . 9.99 15.26 28.45
O1 GOL H . 10.63 14.27 29.20
C2 GOL H . 8.67 14.69 28.10
O2 GOL H . 8.28 13.65 28.86
C3 GOL H . 7.72 15.84 27.93
O3 GOL H . 7.60 15.95 26.53
C1 GOL I . -3.26 26.24 41.62
O1 GOL I . -2.67 26.41 42.85
C2 GOL I . -2.87 27.53 40.80
O2 GOL I . -3.83 27.98 39.89
C3 GOL I . -2.48 28.53 41.82
O3 GOL I . -1.35 27.97 42.39
CAC FLC J . 2.71 8.36 20.85
CA FLC J . 2.30 9.83 20.82
CB FLC J . 1.42 10.01 22.04
CBC FLC J . 0.14 9.22 21.78
CG FLC J . 1.26 11.51 22.36
CGC FLC J . -0.11 12.15 22.25
OA1 FLC J . 3.50 7.89 21.66
OA2 FLC J . 2.08 7.65 19.96
OB1 FLC J . -0.01 8.24 22.63
OB2 FLC J . -0.61 9.44 20.79
OG1 FLC J . -0.24 12.94 21.21
OG2 FLC J . -0.97 11.99 23.09
OHB FLC J . 2.08 9.40 23.15
#